data_7OWO
#
_entry.id   7OWO
#
_cell.length_a   79.315
_cell.length_b   178.287
_cell.length_c   58.173
_cell.angle_alpha   90.000
_cell.angle_beta   90.000
_cell.angle_gamma   90.000
#
_symmetry.space_group_name_H-M   'P 21 21 2'
#
loop_
_entity.id
_entity.type
_entity.pdbx_description
1 polymer 'Glycylpeptide N-tetradecanoyltransferase 1'
2 polymer N-Acetyl-LYS-SER-PHE-SER-LYS-PRO-ARG
3 non-polymer GLYCEROL
4 non-polymer 'COENZYME A'
5 non-polymer TETRADECANOYL-COA
6 non-polymer 'MYRISTIC ACID'
7 water water
#
loop_
_entity_poly.entity_id
_entity_poly.type
_entity_poly.pdbx_seq_one_letter_code
_entity_poly.pdbx_strand_id
1 'polypeptide(L)'
;GGSEFSVGQGPAKTMEEASKRSYQFWDTQPVPKLGEVVNTHGPVEPDKDNIRQEPYTLPQGFTWDALDLGDRGVLKELYT
LLNENYVEDDDNMFRFDYSPEFLLWALRPPGWLPQWHCGVRVVSSRKLVGFISAIPANIHIYDTEKKMVEINFLCVHKKL
RSKRVAPVLIREITRRVHLEGIFQAVYTAGVVLPKPVGTCRYWHRSLNPRKLIEVKFSHLSRNMTMQRTMKLYRLPETPK
TAGLRPMETKDIPVVHQLLTRYLKQFHLTPVMSQEEVEHWFYPQENIIDTFVVENANGEVTDFLSFYTLPSTIMNHPTHK
SLKAAYSFYNVHTQTPLLDLMSDALVLAKMKGFDVFNALDLMENKTFLEKLKFGIGDGNLQYYLYNWKCPSMGAEKVGLV
LQ
;
A,B
2 'polypeptide(L)' (ACE)KSFSKPR D,F
#
loop_
_chem_comp.id
_chem_comp.type
_chem_comp.name
_chem_comp.formula
ACE non-polymer 'ACETYL GROUP' 'C2 H4 O'
COA non-polymer 'COENZYME A' 'C21 H36 N7 O16 P3 S'
GOL non-polymer GLYCEROL 'C3 H8 O3'
MYA non-polymer TETRADECANOYL-COA 'C35 H62 N7 O17 P3 S'
MYR non-polymer 'MYRISTIC ACID' 'C14 H28 O2'
#
# COMPACT_ATOMS: atom_id res chain seq x y z
N PRO A 11 26.52 6.42 22.03
CA PRO A 11 25.51 7.34 21.52
C PRO A 11 25.75 8.79 21.92
N ALA A 12 25.58 9.70 20.96
CA ALA A 12 25.74 11.13 21.20
C ALA A 12 24.38 11.80 21.27
N LYS A 13 24.14 12.57 22.33
CA LYS A 13 22.89 13.30 22.49
C LYS A 13 22.98 14.73 21.97
N THR A 14 24.20 15.26 21.83
CA THR A 14 24.43 16.64 21.40
C THR A 14 25.00 16.67 19.99
N MET A 15 24.72 17.76 19.27
CA MET A 15 25.09 17.86 17.86
C MET A 15 26.59 18.06 17.66
N GLU A 16 27.24 18.77 18.57
CA GLU A 16 28.68 18.97 18.44
C GLU A 16 29.45 17.76 18.95
N GLU A 17 28.96 17.13 20.02
CA GLU A 17 29.58 15.91 20.52
C GLU A 17 29.39 14.72 19.58
N ALA A 18 28.48 14.83 18.60
CA ALA A 18 28.32 13.79 17.61
C ALA A 18 29.33 13.89 16.48
N SER A 19 29.89 15.09 16.24
CA SER A 19 30.93 15.23 15.23
C SER A 19 32.28 14.73 15.72
N LYS A 20 32.42 14.45 17.01
CA LYS A 20 33.60 13.77 17.55
C LYS A 20 33.47 12.25 17.47
N ARG A 21 32.47 11.76 16.74
CA ARG A 21 32.11 10.36 16.70
C ARG A 21 32.29 9.81 15.28
N SER A 22 32.61 8.53 15.19
CA SER A 22 32.71 7.82 13.92
C SER A 22 31.55 6.85 13.82
N TYR A 23 30.89 6.82 12.66
CA TYR A 23 29.66 6.06 12.46
C TYR A 23 29.97 4.90 11.52
N GLN A 24 30.58 3.85 12.06
CA GLN A 24 30.97 2.71 11.24
C GLN A 24 29.78 2.13 10.48
N PHE A 25 28.62 2.04 11.13
CA PHE A 25 27.45 1.53 10.43
C PHE A 25 26.81 2.60 9.55
N TRP A 26 26.53 3.78 10.11
CA TRP A 26 25.75 4.76 9.36
C TRP A 26 26.49 5.30 8.14
N ASP A 27 27.84 5.27 8.15
CA ASP A 27 28.58 5.65 6.96
C ASP A 27 28.33 4.71 5.78
N THR A 28 27.89 3.47 6.03
CA THR A 28 27.59 2.53 4.95
C THR A 28 26.20 2.71 4.38
N GLN A 29 25.36 3.57 4.99
CA GLN A 29 23.95 3.69 4.70
C GLN A 29 23.68 4.90 3.81
N PRO A 30 22.59 4.89 3.02
CA PRO A 30 22.31 6.04 2.13
C PRO A 30 21.64 7.19 2.87
N VAL A 31 22.41 7.83 3.73
CA VAL A 31 21.99 9.03 4.46
C VAL A 31 23.11 10.07 4.35
N PRO A 32 22.80 11.36 4.43
CA PRO A 32 23.86 12.37 4.38
C PRO A 32 24.79 12.27 5.56
N LYS A 33 26.03 12.67 5.36
CA LYS A 33 26.99 12.70 6.46
C LYS A 33 26.64 13.81 7.42
N LEU A 34 26.98 13.60 8.70
CA LEU A 34 26.61 14.56 9.75
C LEU A 34 27.17 15.94 9.46
N GLY A 35 28.38 16.02 8.88
CA GLY A 35 28.95 17.30 8.52
C GLY A 35 28.44 17.87 7.21
N GLU A 36 27.84 17.03 6.37
CA GLU A 36 27.31 17.46 5.08
C GLU A 36 26.27 18.56 5.25
N VAL A 37 26.23 19.47 4.27
CA VAL A 37 25.17 20.48 4.17
C VAL A 37 24.46 20.25 2.84
N VAL A 38 23.13 20.21 2.89
CA VAL A 38 22.32 19.70 1.78
C VAL A 38 21.58 20.84 1.11
N ASN A 39 21.73 20.93 -0.22
CA ASN A 39 20.98 21.89 -1.02
C ASN A 39 20.33 21.21 -2.22
N THR A 40 20.05 19.92 -2.11
CA THR A 40 19.36 19.14 -3.14
C THR A 40 18.11 18.50 -2.55
N HIS A 41 17.28 17.97 -3.45
CA HIS A 41 16.03 17.32 -3.07
C HIS A 41 15.90 16.02 -3.86
N GLY A 42 16.14 14.88 -3.22
CA GLY A 42 15.92 13.61 -3.88
C GLY A 42 16.60 12.44 -3.22
N PRO A 43 16.48 11.26 -3.84
CA PRO A 43 17.03 10.05 -3.23
C PRO A 43 18.53 10.12 -3.11
N VAL A 44 19.06 9.53 -2.04
CA VAL A 44 20.51 9.39 -1.93
C VAL A 44 21.05 8.46 -3.00
N GLU A 45 20.33 7.39 -3.29
CA GLU A 45 20.73 6.38 -4.25
C GLU A 45 19.50 5.89 -4.99
N PRO A 46 19.65 5.34 -6.19
CA PRO A 46 18.49 4.89 -6.95
C PRO A 46 17.82 3.69 -6.30
N ASP A 47 16.54 3.52 -6.62
CA ASP A 47 15.83 2.31 -6.24
C ASP A 47 16.56 1.08 -6.76
N LYS A 48 16.58 0.03 -5.96
CA LYS A 48 17.20 -1.23 -6.33
C LYS A 48 16.20 -2.09 -7.08
N ASP A 49 16.61 -2.62 -8.23
CA ASP A 49 15.71 -3.47 -8.99
C ASP A 49 16.03 -4.96 -8.83
N ASN A 50 16.93 -5.31 -7.91
CA ASN A 50 17.06 -6.67 -7.41
C ASN A 50 17.40 -6.60 -5.93
N ILE A 51 16.70 -7.38 -5.13
CA ILE A 51 16.80 -7.30 -3.67
C ILE A 51 17.26 -8.65 -3.14
N ARG A 52 18.19 -8.61 -2.18
CA ARG A 52 18.68 -9.80 -1.49
C ARG A 52 17.51 -10.63 -0.95
N GLN A 53 17.45 -11.89 -1.37
CA GLN A 53 16.34 -12.76 -0.99
C GLN A 53 16.50 -13.39 0.38
N GLU A 54 17.71 -13.51 0.88
CA GLU A 54 17.89 -14.23 2.12
C GLU A 54 18.00 -13.28 3.30
N PRO A 55 17.45 -13.65 4.46
CA PRO A 55 17.63 -12.84 5.66
C PRO A 55 19.10 -12.70 6.02
N TYR A 56 19.45 -11.55 6.59
CA TYR A 56 20.81 -11.37 7.04
C TYR A 56 21.12 -12.33 8.19
N THR A 57 22.40 -12.68 8.31
CA THR A 57 22.85 -13.61 9.33
C THR A 57 22.88 -12.96 10.70
N LEU A 58 22.29 -13.64 11.70
CA LEU A 58 22.37 -13.28 13.11
C LEU A 58 23.51 -14.04 13.78
N PRO A 59 23.99 -13.55 14.93
CA PRO A 59 24.99 -14.31 15.69
C PRO A 59 24.45 -15.69 16.03
N GLN A 60 25.38 -16.63 16.26
CA GLN A 60 24.97 -18.02 16.46
C GLN A 60 24.08 -18.13 17.69
N GLY A 61 23.01 -18.91 17.56
CA GLY A 61 22.09 -19.15 18.65
C GLY A 61 20.87 -18.27 18.64
N PHE A 62 20.72 -17.43 17.62
CA PHE A 62 19.59 -16.51 17.50
C PHE A 62 18.94 -16.68 16.14
N THR A 63 17.64 -16.44 16.07
CA THR A 63 16.91 -16.66 14.83
C THR A 63 15.89 -15.55 14.63
N TRP A 64 15.57 -15.29 13.37
CA TRP A 64 14.48 -14.36 13.07
C TRP A 64 13.14 -15.00 13.40
N ASP A 65 12.18 -14.17 13.77
CA ASP A 65 10.80 -14.65 13.93
C ASP A 65 9.85 -13.48 13.73
N ALA A 66 9.00 -13.55 12.72
CA ALA A 66 7.97 -12.54 12.56
C ALA A 66 6.90 -12.71 13.65
N LEU A 67 6.55 -11.62 14.33
CA LEU A 67 5.65 -11.71 15.47
C LEU A 67 4.22 -11.45 15.01
N ASP A 68 3.37 -12.45 15.21
CA ASP A 68 1.93 -12.32 14.98
C ASP A 68 1.33 -11.68 16.22
N LEU A 69 1.09 -10.37 16.15
CA LEU A 69 0.58 -9.63 17.30
C LEU A 69 -0.90 -9.88 17.55
N GLY A 70 -1.60 -10.57 16.64
CA GLY A 70 -2.94 -11.05 16.92
C GLY A 70 -2.98 -12.27 17.82
N ASP A 71 -1.83 -12.90 18.06
CA ASP A 71 -1.70 -13.93 19.07
C ASP A 71 -1.39 -13.24 20.39
N ARG A 72 -2.30 -13.36 21.36
CA ARG A 72 -2.19 -12.59 22.60
C ARG A 72 -0.92 -12.94 23.36
N GLY A 73 -0.47 -14.20 23.30
CA GLY A 73 0.77 -14.55 23.97
C GLY A 73 1.98 -13.88 23.34
N VAL A 74 2.04 -13.86 22.01
CA VAL A 74 3.16 -13.21 21.34
C VAL A 74 3.15 -11.71 21.61
N LEU A 75 1.98 -11.09 21.52
CA LEU A 75 1.89 -9.67 21.88
C LEU A 75 2.45 -9.44 23.28
N LYS A 76 2.12 -10.33 24.22
CA LYS A 76 2.60 -10.16 25.59
C LYS A 76 4.11 -10.32 25.68
N GLU A 77 4.69 -11.23 24.89
CA GLU A 77 6.14 -11.33 24.84
C GLU A 77 6.76 -10.02 24.36
N LEU A 78 6.19 -9.40 23.33
CA LEU A 78 6.70 -8.10 22.89
C LEU A 78 6.53 -7.07 23.99
N TYR A 79 5.34 -7.02 24.61
CA TYR A 79 5.14 -6.10 25.72
C TYR A 79 6.26 -6.23 26.77
N THR A 80 6.61 -7.46 27.11
CA THR A 80 7.62 -7.68 28.15
C THR A 80 9.00 -7.25 27.68
N LEU A 81 9.36 -7.59 26.45
CA LEU A 81 10.66 -7.17 25.91
C LEU A 81 10.82 -5.66 26.01
N LEU A 82 9.78 -4.92 25.60
CA LEU A 82 9.88 -3.47 25.61
C LEU A 82 9.79 -2.93 27.03
N ASN A 83 8.89 -3.48 27.84
CA ASN A 83 8.76 -3.02 29.22
C ASN A 83 10.08 -3.15 29.99
N GLU A 84 10.89 -4.15 29.67
CA GLU A 84 12.14 -4.40 30.39
C GLU A 84 13.36 -3.81 29.71
N ASN A 85 13.29 -3.51 28.41
CA ASN A 85 14.51 -3.17 27.68
C ASN A 85 14.40 -1.98 26.74
N TYR A 86 13.28 -1.27 26.71
CA TYR A 86 13.14 -0.19 25.75
C TYR A 86 13.70 1.10 26.34
N VAL A 87 13.32 2.24 25.78
CA VAL A 87 14.02 3.51 26.04
C VAL A 87 13.87 3.93 27.49
N GLU A 88 14.97 4.33 28.10
CA GLU A 88 14.97 4.93 29.43
C GLU A 88 15.39 6.39 29.35
N ASP A 89 15.14 7.12 30.43
CA ASP A 89 15.62 8.49 30.51
C ASP A 89 17.13 8.49 30.72
N ASP A 90 17.70 9.70 30.75
CA ASP A 90 19.14 9.88 30.88
C ASP A 90 19.68 9.26 32.17
N ASP A 91 18.92 9.34 33.26
CA ASP A 91 19.42 8.93 34.56
C ASP A 91 19.00 7.52 34.94
N ASN A 92 18.37 6.78 34.02
CA ASN A 92 17.94 5.41 34.28
C ASN A 92 16.96 5.35 35.45
N MET A 93 16.02 6.30 35.47
CA MET A 93 14.97 6.33 36.48
C MET A 93 13.60 5.98 35.93
N PHE A 94 13.39 6.12 34.63
CA PHE A 94 12.09 5.88 34.01
C PHE A 94 12.31 5.12 32.71
N ARG A 95 11.36 4.22 32.38
CA ARG A 95 11.39 3.48 31.12
C ARG A 95 10.00 3.51 30.51
N PHE A 96 9.92 3.69 29.19
CA PHE A 96 8.62 3.63 28.52
C PHE A 96 7.93 2.31 28.85
N ASP A 97 6.61 2.36 29.02
CA ASP A 97 5.80 1.18 29.34
C ASP A 97 4.61 1.09 28.36
N TYR A 98 4.89 0.95 27.07
CA TYR A 98 3.83 0.81 26.07
C TYR A 98 2.93 -0.38 26.41
N SER A 99 1.62 -0.16 26.40
CA SER A 99 0.72 -1.24 26.74
C SER A 99 0.54 -2.18 25.55
N PRO A 100 0.06 -3.41 25.81
CA PRO A 100 -0.21 -4.31 24.68
C PRO A 100 -1.19 -3.73 23.69
N GLU A 101 -2.29 -3.16 24.17
CA GLU A 101 -3.30 -2.66 23.23
C GLU A 101 -2.79 -1.42 22.50
N PHE A 102 -1.94 -0.62 23.13
CA PHE A 102 -1.27 0.48 22.43
C PHE A 102 -0.37 -0.05 21.32
N LEU A 103 0.40 -1.10 21.62
CA LEU A 103 1.27 -1.68 20.61
C LEU A 103 0.46 -2.16 19.40
N LEU A 104 -0.72 -2.74 19.64
CA LEU A 104 -1.58 -3.14 18.54
C LEU A 104 -2.00 -1.93 17.70
N TRP A 105 -2.36 -0.83 18.34
CA TRP A 105 -2.70 0.42 17.64
C TRP A 105 -1.54 0.92 16.81
N ALA A 106 -0.34 0.94 17.40
CA ALA A 106 0.80 1.53 16.72
C ALA A 106 1.32 0.63 15.60
N LEU A 107 1.16 -0.69 15.73
CA LEU A 107 1.80 -1.63 14.83
C LEU A 107 0.86 -2.26 13.81
N ARG A 108 -0.46 -2.10 13.97
CA ARG A 108 -1.35 -2.59 12.94
C ARG A 108 -2.23 -1.48 12.37
N PRO A 109 -1.65 -0.36 11.91
CA PRO A 109 -2.44 0.60 11.14
C PRO A 109 -2.82 0.01 9.80
N PRO A 110 -3.65 0.70 9.02
CA PRO A 110 -3.95 0.23 7.66
C PRO A 110 -2.68 0.00 6.85
N GLY A 111 -2.62 -1.14 6.15
CA GLY A 111 -1.45 -1.48 5.37
C GLY A 111 -0.37 -2.25 6.10
N TRP A 112 -0.56 -2.56 7.38
CA TRP A 112 0.48 -3.25 8.15
C TRP A 112 0.76 -4.62 7.56
N LEU A 113 2.00 -5.07 7.69
CA LEU A 113 2.42 -6.36 7.15
C LEU A 113 3.09 -7.19 8.23
N PRO A 114 2.80 -8.50 8.27
CA PRO A 114 3.36 -9.34 9.34
C PRO A 114 4.87 -9.41 9.30
N GLN A 115 5.46 -9.48 8.11
CA GLN A 115 6.91 -9.57 8.00
C GLN A 115 7.62 -8.30 8.48
N TRP A 116 6.89 -7.19 8.62
CA TRP A 116 7.47 -5.97 9.15
C TRP A 116 7.40 -5.89 10.69
N HIS A 117 6.99 -6.95 11.37
CA HIS A 117 7.07 -7.02 12.83
C HIS A 117 8.20 -8.01 13.13
N CYS A 118 9.43 -7.50 13.12
CA CYS A 118 10.61 -8.31 12.90
C CYS A 118 11.26 -8.64 14.25
N GLY A 119 11.02 -9.87 14.76
CA GLY A 119 11.58 -10.29 16.02
C GLY A 119 12.86 -11.11 15.90
N VAL A 120 13.59 -11.19 17.02
CA VAL A 120 14.77 -12.04 17.18
C VAL A 120 14.59 -12.89 18.42
N ARG A 121 14.71 -14.21 18.28
CA ARG A 121 14.55 -15.12 19.40
C ARG A 121 15.83 -15.91 19.64
N VAL A 122 16.03 -16.29 20.90
CA VAL A 122 17.05 -17.28 21.21
C VAL A 122 16.60 -18.64 20.66
N VAL A 123 17.49 -19.34 19.97
CA VAL A 123 17.08 -20.60 19.36
C VAL A 123 16.65 -21.60 20.44
N SER A 124 17.43 -21.72 21.52
CA SER A 124 17.15 -22.76 22.51
C SER A 124 15.90 -22.43 23.32
N SER A 125 15.88 -21.26 23.97
CA SER A 125 14.81 -20.93 24.90
C SER A 125 13.58 -20.35 24.25
N ARG A 126 13.68 -19.88 23.00
CA ARG A 126 12.64 -19.13 22.29
C ARG A 126 12.42 -17.74 22.88
N LYS A 127 13.29 -17.30 23.78
CA LYS A 127 13.09 -15.99 24.39
C LYS A 127 13.19 -14.88 23.35
N LEU A 128 12.24 -13.95 23.39
CA LEU A 128 12.31 -12.80 22.50
C LEU A 128 13.34 -11.81 23.04
N VAL A 129 14.38 -11.53 22.25
CA VAL A 129 15.47 -10.67 22.68
C VAL A 129 15.75 -9.52 21.73
N GLY A 130 14.97 -9.35 20.66
CA GLY A 130 15.20 -8.24 19.74
C GLY A 130 13.95 -7.94 18.95
N PHE A 131 13.79 -6.67 18.55
CA PHE A 131 12.65 -6.31 17.72
C PHE A 131 12.95 -5.05 16.91
N ILE A 132 12.28 -4.95 15.76
CA ILE A 132 12.17 -3.70 15.01
C ILE A 132 10.92 -3.81 14.17
N SER A 133 10.30 -2.67 13.85
CA SER A 133 9.05 -2.68 13.10
C SER A 133 9.05 -1.61 12.01
N ALA A 134 8.27 -1.88 10.96
CA ALA A 134 7.94 -0.89 9.95
C ALA A 134 6.43 -0.86 9.79
N ILE A 135 5.88 0.33 9.60
CA ILE A 135 4.51 0.45 9.16
C ILE A 135 4.51 1.37 7.94
N PRO A 136 3.60 1.20 6.99
CA PRO A 136 3.61 2.07 5.81
C PRO A 136 3.02 3.44 6.10
N ALA A 137 3.52 4.44 5.38
CA ALA A 137 3.00 5.79 5.54
C ALA A 137 3.32 6.60 4.29
N ASN A 138 2.33 7.36 3.82
CA ASN A 138 2.62 8.34 2.78
C ASN A 138 3.11 9.61 3.43
N ILE A 139 4.28 10.07 3.01
CA ILE A 139 4.98 11.19 3.65
C ILE A 139 5.13 12.33 2.65
N HIS A 140 4.78 13.54 3.09
CA HIS A 140 4.98 14.74 2.30
C HIS A 140 6.21 15.45 2.86
N ILE A 141 7.23 15.60 2.03
CA ILE A 141 8.49 16.22 2.42
C ILE A 141 8.76 17.34 1.42
N TYR A 142 8.68 18.59 1.89
CA TYR A 142 8.74 19.76 1.00
C TYR A 142 7.76 19.62 -0.16
N ASP A 143 8.26 19.51 -1.39
CA ASP A 143 7.36 19.48 -2.55
C ASP A 143 7.12 18.07 -3.08
N THR A 144 7.46 17.02 -2.32
CA THR A 144 7.37 15.66 -2.80
C THR A 144 6.49 14.82 -1.89
N GLU A 145 5.68 13.95 -2.47
CA GLU A 145 4.90 12.98 -1.73
C GLU A 145 5.45 11.60 -2.08
N LYS A 146 5.88 10.86 -1.05
CA LYS A 146 6.55 9.57 -1.22
C LYS A 146 5.88 8.53 -0.34
N LYS A 147 5.62 7.35 -0.88
CA LYS A 147 5.31 6.21 -0.03
C LYS A 147 6.57 5.80 0.72
N MET A 148 6.49 5.76 2.05
CA MET A 148 7.61 5.40 2.89
C MET A 148 7.16 4.38 3.93
N VAL A 149 8.07 4.01 4.81
CA VAL A 149 7.72 3.33 6.06
C VAL A 149 8.17 4.21 7.21
N GLU A 150 7.51 4.03 8.35
CA GLU A 150 7.98 4.56 9.62
C GLU A 150 8.60 3.43 10.43
N ILE A 151 9.82 3.63 10.88
CA ILE A 151 10.53 2.63 11.67
C ILE A 151 10.40 3.00 13.14
N ASN A 152 10.07 2.02 13.98
CA ASN A 152 9.85 2.27 15.39
C ASN A 152 10.17 1.01 16.18
N PHE A 153 10.30 1.17 17.50
CA PHE A 153 10.42 0.06 18.44
C PHE A 153 11.65 -0.80 18.20
N LEU A 154 12.73 -0.21 17.71
CA LEU A 154 14.00 -0.92 17.68
C LEU A 154 14.43 -1.19 19.11
N CYS A 155 14.57 -2.47 19.45
CA CYS A 155 14.89 -2.85 20.82
C CYS A 155 15.79 -4.07 20.81
N VAL A 156 16.87 -4.02 21.58
CA VAL A 156 17.78 -5.15 21.77
C VAL A 156 17.85 -5.42 23.28
N HIS A 157 17.70 -6.68 23.65
CA HIS A 157 17.75 -7.05 25.06
C HIS A 157 19.03 -6.56 25.71
N LYS A 158 18.92 -6.11 26.96
CA LYS A 158 20.06 -5.51 27.64
C LYS A 158 21.26 -6.46 27.63
N LYS A 159 21.01 -7.76 27.78
CA LYS A 159 22.11 -8.72 27.80
C LYS A 159 22.69 -8.99 26.40
N LEU A 160 22.05 -8.49 25.34
CA LEU A 160 22.55 -8.64 23.98
C LEU A 160 23.20 -7.37 23.45
N ARG A 161 23.32 -6.34 24.28
CA ARG A 161 23.72 -5.02 23.80
C ARG A 161 25.19 -5.01 23.40
N SER A 162 25.53 -4.00 22.59
CA SER A 162 26.91 -3.72 22.19
C SER A 162 27.54 -4.88 21.43
N LYS A 163 26.70 -5.67 20.74
CA LYS A 163 27.16 -6.83 19.99
C LYS A 163 26.81 -6.74 18.50
N ARG A 164 26.62 -5.53 17.99
N ARG A 164 26.62 -5.53 18.00
CA ARG A 164 26.32 -5.30 16.58
CA ARG A 164 26.30 -5.27 16.59
C ARG A 164 25.01 -5.96 16.16
C ARG A 164 25.02 -5.95 16.16
N VAL A 165 24.08 -6.14 17.09
CA VAL A 165 22.79 -6.73 16.74
C VAL A 165 21.85 -5.69 16.14
N ALA A 166 21.89 -4.45 16.63
CA ALA A 166 21.05 -3.40 16.07
C ALA A 166 21.30 -3.15 14.58
N PRO A 167 22.54 -3.05 14.09
CA PRO A 167 22.74 -2.92 12.63
C PRO A 167 22.14 -4.06 11.84
N VAL A 168 22.12 -5.27 12.39
CA VAL A 168 21.50 -6.38 11.69
C VAL A 168 20.00 -6.19 11.60
N LEU A 169 19.38 -5.77 12.71
CA LEU A 169 17.95 -5.48 12.70
C LEU A 169 17.62 -4.39 11.68
N ILE A 170 18.45 -3.34 11.60
CA ILE A 170 18.20 -2.28 10.64
C ILE A 170 18.33 -2.81 9.21
N ARG A 171 19.40 -3.57 8.94
CA ARG A 171 19.56 -4.10 7.58
C ARG A 171 18.42 -5.04 7.22
N GLU A 172 17.99 -5.87 8.18
CA GLU A 172 16.97 -6.84 7.86
C GLU A 172 15.60 -6.18 7.62
N ILE A 173 15.22 -5.20 8.43
CA ILE A 173 13.95 -4.52 8.12
C ILE A 173 14.07 -3.76 6.81
N THR A 174 15.25 -3.18 6.52
CA THR A 174 15.45 -2.50 5.25
C THR A 174 15.22 -3.45 4.09
N ARG A 175 15.81 -4.65 4.16
CA ARG A 175 15.63 -5.65 3.13
C ARG A 175 14.16 -5.98 2.95
N ARG A 176 13.43 -6.18 4.06
CA ARG A 176 12.04 -6.59 3.95
C ARG A 176 11.17 -5.47 3.42
N VAL A 177 11.57 -4.22 3.65
CA VAL A 177 10.82 -3.09 3.11
C VAL A 177 11.12 -2.94 1.62
N HIS A 178 12.40 -3.06 1.24
CA HIS A 178 12.82 -3.07 -0.16
C HIS A 178 12.04 -4.13 -0.96
N LEU A 179 11.78 -5.29 -0.35
CA LEU A 179 11.07 -6.34 -1.06
C LEU A 179 9.66 -5.91 -1.46
N GLU A 180 9.07 -4.97 -0.73
CA GLU A 180 7.75 -4.47 -1.04
C GLU A 180 7.79 -3.23 -1.91
N GLY A 181 8.96 -2.87 -2.41
CA GLY A 181 9.08 -1.76 -3.35
C GLY A 181 9.18 -0.39 -2.73
N ILE A 182 9.50 -0.28 -1.45
CA ILE A 182 9.63 1.01 -0.79
C ILE A 182 11.11 1.27 -0.49
N PHE A 183 11.56 2.51 -0.73
CA PHE A 183 12.98 2.80 -0.66
C PHE A 183 13.32 4.01 0.22
N GLN A 184 12.33 4.59 0.90
CA GLN A 184 12.58 5.67 1.83
C GLN A 184 11.88 5.34 3.15
N ALA A 185 12.42 5.89 4.24
CA ALA A 185 11.80 5.71 5.54
C ALA A 185 11.94 7.00 6.33
N VAL A 186 11.07 7.14 7.32
CA VAL A 186 11.18 8.20 8.31
C VAL A 186 11.25 7.57 9.69
N TYR A 187 11.98 8.19 10.60
CA TYR A 187 12.10 7.68 11.97
C TYR A 187 12.64 8.77 12.86
N THR A 188 12.44 8.60 14.17
CA THR A 188 12.90 9.52 15.19
C THR A 188 13.77 8.79 16.20
N ALA A 189 14.61 9.56 16.90
CA ALA A 189 15.46 8.99 17.95
C ALA A 189 15.89 10.08 18.91
N GLY A 190 16.21 9.67 20.14
CA GLY A 190 16.81 10.59 21.08
C GLY A 190 18.27 10.89 20.84
N VAL A 191 18.96 10.06 20.06
CA VAL A 191 20.38 10.25 19.82
C VAL A 191 20.59 10.95 18.48
N VAL A 192 21.78 11.49 18.30
CA VAL A 192 22.18 12.12 17.05
C VAL A 192 22.81 11.06 16.16
N LEU A 193 22.33 10.98 14.92
CA LEU A 193 22.84 10.10 13.89
C LEU A 193 22.96 10.91 12.61
N PRO A 194 23.67 10.43 11.59
CA PRO A 194 23.56 11.07 10.28
C PRO A 194 22.21 10.75 9.66
N LYS A 195 21.42 11.78 9.33
CA LYS A 195 21.62 13.19 9.65
C LYS A 195 20.24 13.79 9.90
N PRO A 196 20.05 14.49 11.01
CA PRO A 196 18.70 14.94 11.35
C PRO A 196 18.14 15.86 10.28
N VAL A 197 16.88 15.64 9.92
CA VAL A 197 16.19 16.59 9.07
C VAL A 197 15.58 17.69 9.91
N GLY A 198 15.42 17.46 11.21
CA GLY A 198 14.92 18.46 12.14
C GLY A 198 15.11 17.99 13.56
N THR A 199 15.27 18.93 14.48
CA THR A 199 15.50 18.64 15.89
C THR A 199 14.39 19.28 16.71
N CYS A 200 13.65 18.45 17.44
CA CYS A 200 12.57 18.92 18.30
C CYS A 200 12.94 18.66 19.75
N ARG A 201 12.22 19.33 20.64
CA ARG A 201 12.48 19.27 22.06
C ARG A 201 11.17 18.94 22.77
N TYR A 202 11.22 17.96 23.67
CA TYR A 202 10.06 17.72 24.52
C TYR A 202 9.96 18.79 25.59
N TRP A 203 8.73 19.21 25.88
CA TRP A 203 8.35 20.03 27.03
C TRP A 203 7.33 19.24 27.85
N HIS A 204 7.19 19.63 29.12
CA HIS A 204 6.32 18.91 30.03
C HIS A 204 5.44 19.87 30.81
N ARG A 205 4.19 19.49 31.00
CA ARG A 205 3.23 20.28 31.75
C ARG A 205 2.79 19.45 32.96
N SER A 206 3.22 19.86 34.15
CA SER A 206 2.86 19.15 35.36
C SER A 206 1.34 19.13 35.56
N LEU A 207 0.80 17.94 35.84
CA LEU A 207 -0.60 17.79 36.20
C LEU A 207 -0.80 17.37 37.65
N ASN A 208 0.03 16.46 38.15
CA ASN A 208 0.09 16.10 39.57
C ASN A 208 1.50 16.44 40.04
N PRO A 209 1.79 17.72 40.30
CA PRO A 209 3.17 18.11 40.63
C PRO A 209 3.70 17.40 41.84
N ARG A 210 2.82 17.03 42.78
CA ARG A 210 3.25 16.33 43.99
C ARG A 210 3.91 15.00 43.64
N LYS A 211 3.19 14.14 42.92
CA LYS A 211 3.76 12.85 42.53
C LYS A 211 5.02 13.04 41.70
N LEU A 212 5.04 14.07 40.84
CA LEU A 212 6.18 14.25 39.94
C LEU A 212 7.44 14.60 40.71
N ILE A 213 7.31 15.39 41.79
CA ILE A 213 8.48 15.75 42.59
C ILE A 213 8.90 14.60 43.48
N GLU A 214 7.94 13.86 44.03
CA GLU A 214 8.25 12.72 44.87
C GLU A 214 9.03 11.64 44.14
N VAL A 215 8.78 11.46 42.85
CA VAL A 215 9.50 10.48 42.06
C VAL A 215 10.70 11.08 41.33
N LYS A 216 10.97 12.36 41.55
CA LYS A 216 12.11 13.05 40.95
C LYS A 216 12.04 13.06 39.42
N PHE A 217 10.83 13.04 38.89
CA PHE A 217 10.65 13.41 37.49
C PHE A 217 10.85 14.91 37.32
N SER A 218 10.33 15.69 38.25
CA SER A 218 10.54 17.13 38.30
C SER A 218 11.04 17.50 39.69
N HIS A 219 11.41 18.77 39.85
CA HIS A 219 11.93 19.30 41.09
C HIS A 219 11.35 20.68 41.35
N LEU A 220 11.34 21.08 42.62
CA LEU A 220 10.91 22.42 43.01
C LEU A 220 11.91 23.48 42.54
N SER A 221 11.39 24.51 41.87
CA SER A 221 12.23 25.62 41.46
C SER A 221 12.84 26.30 42.69
N ARG A 222 13.99 26.96 42.47
CA ARG A 222 14.79 27.47 43.58
C ARG A 222 13.99 28.40 44.49
N ASN A 223 13.39 29.44 43.90
CA ASN A 223 12.59 30.40 44.66
C ASN A 223 11.11 30.08 44.63
N MET A 224 10.76 28.80 44.82
CA MET A 224 9.37 28.36 44.86
C MET A 224 9.23 27.23 45.89
N THR A 225 8.04 27.10 46.46
CA THR A 225 7.73 26.06 47.43
C THR A 225 6.71 25.08 46.84
N MET A 226 6.42 24.03 47.62
CA MET A 226 5.46 23.02 47.17
C MET A 226 4.05 23.56 47.12
N GLN A 227 3.63 24.27 48.17
CA GLN A 227 2.31 24.88 48.18
C GLN A 227 2.11 25.82 46.98
N ARG A 228 3.11 26.66 46.71
CA ARG A 228 3.06 27.52 45.54
C ARG A 228 3.05 26.70 44.26
N THR A 229 3.79 25.60 44.24
CA THR A 229 3.87 24.77 43.04
C THR A 229 2.52 24.12 42.72
N MET A 230 1.83 23.64 43.73
CA MET A 230 0.51 23.05 43.49
C MET A 230 -0.49 24.10 43.02
N LYS A 231 -0.44 25.30 43.59
CA LYS A 231 -1.35 26.35 43.16
C LYS A 231 -1.03 26.82 41.75
N LEU A 232 0.27 26.89 41.42
CA LEU A 232 0.67 27.33 40.10
C LEU A 232 0.09 26.41 39.02
N TYR A 233 0.08 25.10 39.27
CA TYR A 233 -0.31 24.11 38.28
C TYR A 233 -1.77 23.69 38.39
N ARG A 234 -2.56 24.41 39.18
CA ARG A 234 -3.97 24.04 39.33
C ARG A 234 -4.73 24.36 38.06
N LEU A 235 -5.68 23.50 37.70
CA LEU A 235 -6.44 23.62 36.48
C LEU A 235 -7.94 23.68 36.76
N PRO A 236 -8.72 24.29 35.87
CA PRO A 236 -10.18 24.20 35.98
C PRO A 236 -10.67 22.76 36.06
N GLU A 237 -11.83 22.58 36.68
CA GLU A 237 -12.44 21.26 36.79
C GLU A 237 -12.87 20.73 35.43
N THR A 238 -13.37 21.61 34.56
CA THR A 238 -13.98 21.26 33.30
C THR A 238 -13.45 22.17 32.20
N PRO A 239 -13.36 21.67 30.97
CA PRO A 239 -12.88 22.51 29.86
C PRO A 239 -13.86 23.65 29.59
N LYS A 240 -13.36 24.67 28.90
CA LYS A 240 -14.18 25.86 28.66
C LYS A 240 -14.71 26.00 27.24
N THR A 241 -14.15 25.29 26.26
CA THR A 241 -14.58 25.53 24.88
C THR A 241 -15.98 25.00 24.66
N ALA A 242 -16.84 25.87 24.13
CA ALA A 242 -18.19 25.48 23.77
C ALA A 242 -18.17 24.33 22.77
N GLY A 243 -19.00 23.32 23.02
CA GLY A 243 -19.21 22.26 22.06
C GLY A 243 -18.09 21.25 21.96
N LEU A 244 -17.13 21.27 22.89
CA LEU A 244 -16.09 20.26 22.90
C LEU A 244 -16.68 18.92 23.35
N ARG A 245 -16.36 17.85 22.62
CA ARG A 245 -16.91 16.53 22.91
C ARG A 245 -16.00 15.48 22.29
N PRO A 246 -16.11 14.22 22.72
CA PRO A 246 -15.29 13.17 22.10
C PRO A 246 -15.64 12.97 20.63
N MET A 247 -14.62 12.64 19.86
CA MET A 247 -14.82 12.30 18.45
C MET A 247 -15.67 11.03 18.34
N GLU A 248 -16.60 11.04 17.40
CA GLU A 248 -17.46 9.93 17.08
C GLU A 248 -17.25 9.53 15.62
N THR A 249 -17.84 8.41 15.24
CA THR A 249 -17.69 7.88 13.89
C THR A 249 -18.15 8.90 12.85
N LYS A 250 -19.24 9.62 13.13
CA LYS A 250 -19.73 10.59 12.17
C LYS A 250 -18.72 11.70 11.89
N ASP A 251 -17.72 11.89 12.76
CA ASP A 251 -16.74 12.97 12.62
C ASP A 251 -15.53 12.60 11.77
N ILE A 252 -15.41 11.33 11.36
CA ILE A 252 -14.19 10.89 10.66
C ILE A 252 -13.93 11.70 9.39
N PRO A 253 -14.92 11.95 8.53
CA PRO A 253 -14.62 12.76 7.33
C PRO A 253 -14.16 14.18 7.65
N VAL A 254 -14.82 14.88 8.58
CA VAL A 254 -14.41 16.26 8.83
C VAL A 254 -13.07 16.31 9.56
N VAL A 255 -12.77 15.33 10.41
CA VAL A 255 -11.46 15.31 11.05
C VAL A 255 -10.37 15.09 10.00
N HIS A 256 -10.63 14.21 9.05
CA HIS A 256 -9.72 14.03 7.92
C HIS A 256 -9.55 15.34 7.14
N GLN A 257 -10.66 16.01 6.82
CA GLN A 257 -10.59 17.27 6.08
C GLN A 257 -9.81 18.33 6.86
N LEU A 258 -10.17 18.54 8.13
CA LEU A 258 -9.46 19.54 8.93
C LEU A 258 -7.96 19.26 8.98
N LEU A 259 -7.59 18.01 9.23
CA LEU A 259 -6.17 17.66 9.34
C LEU A 259 -5.43 17.89 8.02
N THR A 260 -5.99 17.38 6.92
CA THR A 260 -5.32 17.53 5.63
C THR A 260 -5.07 18.98 5.29
N ARG A 261 -6.08 19.84 5.51
CA ARG A 261 -5.88 21.25 5.22
C ARG A 261 -4.91 21.89 6.18
N TYR A 262 -4.98 21.51 7.46
CA TYR A 262 -4.10 22.13 8.45
C TYR A 262 -2.64 21.79 8.19
N LEU A 263 -2.35 20.58 7.74
CA LEU A 263 -0.95 20.17 7.65
C LEU A 263 -0.23 20.72 6.42
N LYS A 264 -0.94 21.36 5.48
CA LYS A 264 -0.26 21.86 4.29
C LYS A 264 0.80 22.90 4.61
N GLN A 265 0.69 23.58 5.75
CA GLN A 265 1.61 24.66 6.08
C GLN A 265 2.98 24.17 6.56
N PHE A 266 3.12 22.90 6.89
CA PHE A 266 4.39 22.37 7.38
C PHE A 266 5.12 21.66 6.24
N HIS A 267 6.39 21.32 6.50
CA HIS A 267 7.24 20.75 5.47
C HIS A 267 7.50 19.25 5.62
N LEU A 268 7.20 18.66 6.77
CA LEU A 268 7.31 17.21 6.96
C LEU A 268 6.03 16.75 7.62
N THR A 269 5.16 16.08 6.86
CA THR A 269 3.83 15.72 7.32
C THR A 269 3.43 14.35 6.80
N PRO A 270 2.52 13.67 7.50
CA PRO A 270 1.86 12.49 6.91
C PRO A 270 0.74 12.92 5.98
N VAL A 271 0.44 12.06 5.02
CA VAL A 271 -0.70 12.23 4.14
C VAL A 271 -1.61 11.04 4.44
N MET A 272 -2.68 11.27 5.17
CA MET A 272 -3.50 10.18 5.67
C MET A 272 -4.74 9.99 4.80
N SER A 273 -5.03 8.73 4.48
CA SER A 273 -6.34 8.37 3.98
C SER A 273 -7.40 8.53 5.08
N GLN A 274 -8.67 8.43 4.68
CA GLN A 274 -9.72 8.53 5.68
C GLN A 274 -9.70 7.32 6.59
N GLU A 275 -9.31 6.14 6.07
CA GLU A 275 -9.16 4.98 6.94
C GLU A 275 -8.03 5.18 7.93
N GLU A 276 -6.92 5.78 7.51
CA GLU A 276 -5.84 6.06 8.46
C GLU A 276 -6.28 7.06 9.51
N VAL A 277 -7.11 8.04 9.13
CA VAL A 277 -7.64 9.00 10.10
C VAL A 277 -8.50 8.29 11.14
N GLU A 278 -9.40 7.40 10.69
CA GLU A 278 -10.16 6.58 11.63
C GLU A 278 -9.22 5.86 12.57
N HIS A 279 -8.19 5.21 12.05
CA HIS A 279 -7.31 4.42 12.89
C HIS A 279 -6.58 5.30 13.91
N TRP A 280 -6.01 6.39 13.47
CA TRP A 280 -5.13 7.13 14.35
C TRP A 280 -5.89 8.03 15.33
N PHE A 281 -7.14 8.40 15.05
CA PHE A 281 -7.83 9.34 15.92
C PHE A 281 -9.06 8.83 16.62
N TYR A 282 -9.72 7.79 16.12
CA TYR A 282 -10.97 7.35 16.74
C TYR A 282 -10.66 6.91 18.17
N PRO A 283 -11.35 7.46 19.18
CA PRO A 283 -10.87 7.29 20.56
C PRO A 283 -10.88 5.82 20.98
N GLN A 284 -9.81 5.42 21.67
CA GLN A 284 -9.73 4.11 22.33
C GLN A 284 -9.22 4.36 23.73
N GLU A 285 -9.99 3.93 24.74
CA GLU A 285 -9.62 4.23 26.12
C GLU A 285 -8.20 3.73 26.44
N ASN A 286 -7.42 4.61 27.06
CA ASN A 286 -6.04 4.34 27.47
C ASN A 286 -5.09 4.14 26.29
N ILE A 287 -5.44 4.67 25.12
CA ILE A 287 -4.54 4.63 23.98
C ILE A 287 -4.53 6.00 23.31
N ILE A 288 -5.70 6.43 22.82
CA ILE A 288 -5.78 7.67 22.05
C ILE A 288 -7.07 8.40 22.40
N ASP A 289 -6.96 9.68 22.69
CA ASP A 289 -8.13 10.51 22.95
C ASP A 289 -8.21 11.62 21.89
N THR A 290 -9.40 11.81 21.32
CA THR A 290 -9.64 12.89 20.38
C THR A 290 -10.93 13.59 20.75
N PHE A 291 -10.88 14.91 20.90
CA PHE A 291 -12.06 15.72 21.17
C PHE A 291 -12.23 16.72 20.04
N VAL A 292 -13.45 16.83 19.51
CA VAL A 292 -13.76 17.79 18.47
C VAL A 292 -14.55 18.95 19.05
N VAL A 293 -14.51 20.09 18.36
CA VAL A 293 -15.35 21.25 18.70
C VAL A 293 -16.52 21.28 17.73
N GLU A 294 -17.73 21.04 18.19
CA GLU A 294 -18.91 21.13 17.35
C GLU A 294 -19.65 22.41 17.74
N ASN A 295 -19.72 23.36 16.80
CA ASN A 295 -20.17 24.72 17.13
C ASN A 295 -21.69 24.80 17.16
N ALA A 296 -22.22 26.02 17.25
CA ALA A 296 -23.65 26.22 17.41
C ALA A 296 -24.45 25.92 16.16
N ASN A 297 -23.77 25.74 15.02
CA ASN A 297 -24.40 25.34 13.78
C ASN A 297 -24.29 23.85 13.53
N GLY A 298 -23.59 23.13 14.41
CA GLY A 298 -23.39 21.71 14.25
C GLY A 298 -22.18 21.34 13.44
N GLU A 299 -21.29 22.29 13.17
CA GLU A 299 -20.12 22.06 12.34
C GLU A 299 -18.91 21.81 13.23
N VAL A 300 -18.08 20.86 12.83
CA VAL A 300 -16.85 20.58 13.55
C VAL A 300 -15.77 21.50 12.99
N THR A 301 -15.22 22.36 13.85
CA THR A 301 -14.28 23.38 13.41
C THR A 301 -12.88 23.17 13.95
N ASP A 302 -12.71 22.35 14.99
CA ASP A 302 -11.39 22.13 15.60
C ASP A 302 -11.37 20.74 16.20
N PHE A 303 -10.16 20.24 16.45
CA PHE A 303 -10.02 19.08 17.33
C PHE A 303 -8.65 19.07 18.01
N LEU A 304 -8.62 18.38 19.16
CA LEU A 304 -7.39 18.11 19.89
C LEU A 304 -7.24 16.61 20.05
N SER A 305 -6.01 16.12 20.18
CA SER A 305 -5.80 14.71 20.44
C SER A 305 -4.52 14.49 21.23
N PHE A 306 -4.50 13.42 22.03
CA PHE A 306 -3.31 13.05 22.78
C PHE A 306 -3.34 11.55 23.02
N TYR A 307 -2.17 10.91 23.00
CA TYR A 307 -2.12 9.47 23.23
C TYR A 307 -1.55 9.16 24.60
N THR A 308 -1.84 7.93 25.06
CA THR A 308 -1.53 7.47 26.42
C THR A 308 -0.23 6.66 26.39
N LEU A 309 0.78 7.10 27.15
CA LEU A 309 2.04 6.36 27.20
C LEU A 309 2.61 6.46 28.60
N PRO A 310 2.33 5.50 29.46
CA PRO A 310 2.90 5.52 30.80
C PRO A 310 4.36 5.06 30.78
N SER A 311 5.06 5.35 31.89
CA SER A 311 6.42 4.88 32.05
C SER A 311 6.56 4.18 33.38
N THR A 312 7.47 3.21 33.41
CA THR A 312 7.83 2.54 34.65
C THR A 312 8.77 3.44 35.44
N ILE A 313 8.53 3.52 36.74
CA ILE A 313 9.44 4.21 37.67
C ILE A 313 10.32 3.15 38.28
N MET A 314 11.61 3.17 37.98
CA MET A 314 12.49 2.09 38.42
C MET A 314 12.91 2.29 39.87
N ASN A 315 13.04 1.18 40.58
CA ASN A 315 13.70 1.16 41.88
C ASN A 315 13.00 2.04 42.90
N HIS A 316 11.68 2.19 42.79
CA HIS A 316 10.97 2.98 43.77
C HIS A 316 10.00 2.11 44.55
N PRO A 317 10.08 2.11 45.88
CA PRO A 317 9.22 1.20 46.65
C PRO A 317 7.74 1.51 46.58
N THR A 318 7.34 2.76 46.36
CA THR A 318 5.93 3.13 46.45
C THR A 318 5.31 3.52 45.12
N HIS A 319 5.97 4.35 44.34
CA HIS A 319 5.43 4.79 43.06
C HIS A 319 6.05 3.94 41.96
N LYS A 320 5.20 3.24 41.22
CA LYS A 320 5.66 2.28 40.24
C LYS A 320 5.52 2.77 38.81
N SER A 321 4.63 3.72 38.55
CA SER A 321 4.33 4.11 37.17
C SER A 321 3.95 5.58 37.12
N LEU A 322 4.32 6.21 36.01
CA LEU A 322 4.01 7.59 35.71
C LEU A 322 3.07 7.64 34.51
N LYS A 323 1.84 8.12 34.70
CA LYS A 323 0.88 8.17 33.59
C LYS A 323 1.06 9.48 32.81
N ALA A 324 1.49 9.36 31.56
CA ALA A 324 1.81 10.54 30.74
C ALA A 324 0.88 10.60 29.53
N ALA A 325 0.46 11.82 29.18
CA ALA A 325 -0.25 12.08 27.93
C ALA A 325 0.69 12.81 26.98
N TYR A 326 0.64 12.43 25.70
CA TYR A 326 1.50 13.01 24.68
C TYR A 326 0.63 13.70 23.65
N SER A 327 0.91 14.99 23.43
CA SER A 327 0.22 15.75 22.40
C SER A 327 0.39 15.07 21.04
N PHE A 328 -0.70 14.97 20.27
CA PHE A 328 -0.67 14.24 19.01
C PHE A 328 -0.85 15.26 17.90
N TYR A 329 -2.04 15.39 17.30
CA TYR A 329 -2.29 16.44 16.33
C TYR A 329 -3.41 17.33 16.84
N ASN A 330 -3.18 18.63 16.79
CA ASN A 330 -4.15 19.62 17.25
C ASN A 330 -4.40 20.60 16.11
N VAL A 331 -5.65 20.67 15.68
CA VAL A 331 -6.04 21.47 14.52
C VAL A 331 -7.03 22.51 15.00
N HIS A 332 -6.73 23.77 14.71
CA HIS A 332 -7.60 24.89 15.03
C HIS A 332 -7.95 25.65 13.75
N THR A 333 -9.25 25.93 13.56
CA THR A 333 -9.70 26.89 12.55
C THR A 333 -10.63 27.97 13.09
N GLN A 334 -11.27 27.77 14.25
CA GLN A 334 -12.13 28.78 14.85
C GLN A 334 -11.90 28.98 16.34
N THR A 335 -11.45 27.98 17.07
CA THR A 335 -11.01 28.08 18.46
C THR A 335 -9.54 28.44 18.47
N PRO A 336 -9.08 29.39 19.29
CA PRO A 336 -7.65 29.64 19.38
C PRO A 336 -6.91 28.39 19.88
N LEU A 337 -5.73 28.16 19.31
CA LEU A 337 -4.92 27.02 19.74
C LEU A 337 -4.69 27.03 21.24
N LEU A 338 -4.43 28.22 21.81
CA LEU A 338 -4.16 28.32 23.24
C LEU A 338 -5.32 27.78 24.07
N ASP A 339 -6.56 28.06 23.65
CA ASP A 339 -7.72 27.57 24.37
C ASP A 339 -7.91 26.06 24.19
N LEU A 340 -7.70 25.58 22.96
CA LEU A 340 -7.75 24.16 22.67
C LEU A 340 -6.78 23.38 23.58
N MET A 341 -5.55 23.85 23.69
CA MET A 341 -4.56 23.14 24.48
C MET A 341 -4.82 23.26 25.98
N SER A 342 -5.37 24.40 26.43
CA SER A 342 -5.81 24.48 27.82
C SER A 342 -6.85 23.41 28.12
N ASP A 343 -7.78 23.19 27.20
CA ASP A 343 -8.77 22.15 27.43
C ASP A 343 -8.15 20.77 27.39
N ALA A 344 -7.10 20.56 26.58
CA ALA A 344 -6.42 19.27 26.57
C ALA A 344 -5.80 18.98 27.94
N LEU A 345 -5.20 20.00 28.56
CA LEU A 345 -4.63 19.82 29.89
C LEU A 345 -5.70 19.47 30.90
N VAL A 346 -6.82 20.21 30.87
CA VAL A 346 -7.93 19.91 31.77
C VAL A 346 -8.44 18.50 31.53
N LEU A 347 -8.58 18.08 30.28
CA LEU A 347 -9.08 16.74 30.00
C LEU A 347 -8.10 15.68 30.47
N ALA A 348 -6.80 15.91 30.24
CA ALA A 348 -5.80 14.96 30.72
C ALA A 348 -5.79 14.90 32.24
N LYS A 349 -5.91 16.06 32.90
CA LYS A 349 -6.02 16.06 34.35
C LYS A 349 -7.22 15.23 34.80
N MET A 350 -8.39 15.46 34.18
CA MET A 350 -9.59 14.71 34.53
C MET A 350 -9.39 13.21 34.37
N LYS A 351 -8.60 12.80 33.38
CA LYS A 351 -8.43 11.38 33.08
C LYS A 351 -7.34 10.73 33.91
N GLY A 352 -6.77 11.43 34.89
CA GLY A 352 -5.83 10.80 35.78
C GLY A 352 -4.38 10.86 35.36
N PHE A 353 -4.04 11.65 34.33
CA PHE A 353 -2.66 11.74 33.90
C PHE A 353 -1.84 12.55 34.90
N ASP A 354 -0.55 12.21 35.00
CA ASP A 354 0.36 12.90 35.90
C ASP A 354 1.10 14.05 35.22
N VAL A 355 1.23 14.00 33.90
CA VAL A 355 2.02 14.99 33.18
C VAL A 355 1.50 14.98 31.74
N PHE A 356 1.66 16.10 31.06
CA PHE A 356 1.23 16.27 29.67
C PHE A 356 2.47 16.69 28.90
N ASN A 357 2.92 15.84 27.98
CA ASN A 357 4.09 16.14 27.18
C ASN A 357 3.68 16.63 25.78
N ALA A 358 4.50 17.54 25.25
CA ALA A 358 4.34 18.04 23.90
C ALA A 358 5.71 18.45 23.36
N LEU A 359 5.90 18.26 22.06
CA LEU A 359 7.09 18.70 21.38
C LEU A 359 6.95 20.16 20.95
N ASP A 360 8.07 20.77 20.59
CA ASP A 360 8.06 22.14 20.10
C ASP A 360 7.86 22.25 18.59
N LEU A 361 7.26 21.23 17.97
CA LEU A 361 7.02 21.28 16.53
C LEU A 361 5.69 21.94 16.22
N MET A 362 5.34 21.97 14.93
CA MET A 362 4.16 22.67 14.44
C MET A 362 4.10 24.04 15.13
N GLU A 363 2.92 24.47 15.58
CA GLU A 363 2.80 25.75 16.23
C GLU A 363 2.88 25.66 17.74
N ASN A 364 3.47 24.59 18.26
CA ASN A 364 3.40 24.35 19.69
C ASN A 364 4.15 25.43 20.48
N LYS A 365 5.17 26.06 19.89
CA LYS A 365 5.89 27.09 20.66
C LYS A 365 5.00 28.29 20.98
N THR A 366 3.89 28.48 20.27
CA THR A 366 3.01 29.59 20.61
C THR A 366 2.26 29.39 21.93
N PHE A 367 2.19 28.16 22.46
CA PHE A 367 1.48 27.99 23.73
C PHE A 367 2.29 27.35 24.84
N LEU A 368 3.48 26.80 24.56
CA LEU A 368 4.18 26.03 25.58
C LEU A 368 4.47 26.87 26.82
N GLU A 369 5.10 28.03 26.63
CA GLU A 369 5.43 28.86 27.77
C GLU A 369 4.16 29.37 28.45
N LYS A 370 3.19 29.87 27.67
CA LYS A 370 1.99 30.46 28.25
C LYS A 370 1.20 29.45 29.08
N LEU A 371 1.19 28.18 28.69
CA LEU A 371 0.43 27.19 29.45
C LEU A 371 1.28 26.49 30.50
N LYS A 372 2.45 27.04 30.83
CA LYS A 372 3.25 26.59 31.97
C LYS A 372 3.92 25.24 31.71
N PHE A 373 4.18 24.90 30.46
CA PHE A 373 5.09 23.80 30.17
C PHE A 373 6.51 24.20 30.57
N GLY A 374 7.26 23.22 31.04
CA GLY A 374 8.69 23.39 31.29
C GLY A 374 9.49 22.59 30.25
N ILE A 375 10.57 23.18 29.77
CA ILE A 375 11.38 22.52 28.75
C ILE A 375 12.02 21.27 29.34
N GLY A 376 12.13 20.22 28.51
CA GLY A 376 12.76 19.00 28.92
C GLY A 376 14.23 18.94 28.54
N ASP A 377 14.88 17.86 28.97
CA ASP A 377 16.29 17.67 28.68
C ASP A 377 16.54 16.79 27.45
N GLY A 378 15.52 16.15 26.90
CA GLY A 378 15.68 15.26 25.77
C GLY A 378 15.24 15.87 24.46
N ASN A 379 16.14 15.81 23.46
CA ASN A 379 15.77 16.11 22.09
C ASN A 379 15.10 14.90 21.45
N LEU A 380 14.30 15.17 20.43
CA LEU A 380 13.79 14.15 19.52
C LEU A 380 14.23 14.56 18.12
N GLN A 381 15.18 13.80 17.56
CA GLN A 381 15.65 14.03 16.20
C GLN A 381 14.76 13.31 15.20
N TYR A 382 14.46 13.98 14.09
CA TYR A 382 13.74 13.38 12.98
C TYR A 382 14.70 13.08 11.86
N TYR A 383 14.49 11.93 11.21
CA TYR A 383 15.40 11.48 10.17
C TYR A 383 14.62 10.92 9.00
N LEU A 384 15.21 11.07 7.81
CA LEU A 384 14.77 10.39 6.60
C LEU A 384 15.88 9.47 6.12
N TYR A 385 15.49 8.28 5.66
CA TYR A 385 16.42 7.32 5.07
C TYR A 385 16.33 7.39 3.55
N ASN A 386 17.49 7.53 2.90
CA ASN A 386 17.58 7.60 1.43
C ASN A 386 16.78 8.77 0.86
N TRP A 387 16.83 9.91 1.56
CA TRP A 387 16.26 11.13 0.99
C TRP A 387 17.11 12.32 1.44
N LYS A 388 17.62 13.08 0.46
CA LYS A 388 18.40 14.28 0.68
C LYS A 388 17.49 15.50 0.56
N CYS A 389 17.44 16.31 1.60
CA CYS A 389 16.69 17.55 1.57
C CYS A 389 17.28 18.48 2.63
N PRO A 390 17.06 19.78 2.51
CA PRO A 390 17.53 20.69 3.56
C PRO A 390 16.86 20.42 4.89
N SER A 391 17.59 20.64 5.97
CA SER A 391 16.99 20.54 7.29
C SER A 391 15.95 21.65 7.49
N MET A 392 15.13 21.49 8.51
CA MET A 392 14.06 22.44 8.78
C MET A 392 13.97 22.69 10.28
N GLY A 393 13.41 23.84 10.64
CA GLY A 393 13.21 24.13 12.04
C GLY A 393 12.03 23.38 12.62
N ALA A 394 12.04 23.24 13.94
CA ALA A 394 11.02 22.44 14.62
C ALA A 394 9.61 22.85 14.21
N GLU A 395 9.37 24.15 14.05
CA GLU A 395 8.02 24.64 13.76
C GLU A 395 7.53 24.23 12.37
N LYS A 396 8.38 23.67 11.53
CA LYS A 396 7.97 23.17 10.23
C LYS A 396 7.82 21.64 10.20
N VAL A 397 8.13 20.96 11.30
CA VAL A 397 7.88 19.52 11.39
C VAL A 397 6.42 19.33 11.79
N GLY A 398 5.67 18.64 10.92
CA GLY A 398 4.26 18.41 11.18
C GLY A 398 3.92 16.93 11.23
N LEU A 399 4.79 16.16 11.89
CA LEU A 399 4.68 14.71 11.95
C LEU A 399 4.96 14.26 13.38
N VAL A 400 4.03 13.51 13.96
CA VAL A 400 4.15 13.00 15.31
C VAL A 400 4.07 11.47 15.25
N LEU A 401 5.12 10.80 15.73
CA LEU A 401 5.19 9.35 15.80
C LEU A 401 5.00 8.87 17.24
N GLN A 402 4.52 7.63 17.39
CA GLN A 402 4.27 7.07 18.72
C GLN A 402 5.54 6.67 19.45
N PRO B 11 -24.23 -1.89 -26.39
CA PRO B 11 -22.87 -1.38 -26.22
C PRO B 11 -22.19 -0.97 -27.53
N ALA B 12 -21.24 -0.05 -27.43
CA ALA B 12 -20.47 0.40 -28.59
C ALA B 12 -19.17 -0.40 -28.69
N LYS B 13 -18.94 -1.02 -29.84
CA LYS B 13 -17.71 -1.78 -30.05
C LYS B 13 -16.67 -1.02 -30.87
N THR B 14 -17.08 0.00 -31.61
CA THR B 14 -16.17 0.87 -32.35
C THR B 14 -16.33 2.30 -31.84
N MET B 15 -15.30 3.11 -32.09
CA MET B 15 -15.41 4.54 -31.84
C MET B 15 -16.26 5.24 -32.90
N GLU B 16 -16.54 4.55 -34.01
CA GLU B 16 -17.62 4.94 -34.91
C GLU B 16 -18.93 4.92 -34.16
N GLU B 17 -19.34 3.73 -33.69
CA GLU B 17 -20.54 3.60 -32.87
C GLU B 17 -20.53 4.56 -31.69
N ALA B 18 -19.39 4.67 -31.02
CA ALA B 18 -19.30 5.45 -29.79
C ALA B 18 -19.61 6.92 -30.02
N SER B 19 -19.23 7.46 -31.17
CA SER B 19 -19.37 8.89 -31.42
C SER B 19 -20.82 9.34 -31.44
N LYS B 20 -21.75 8.43 -31.69
CA LYS B 20 -23.16 8.82 -31.71
C LYS B 20 -23.74 8.90 -30.30
N ARG B 21 -23.51 7.86 -29.50
CA ARG B 21 -24.25 7.68 -28.26
C ARG B 21 -23.93 8.77 -27.24
N SER B 22 -24.84 8.90 -26.27
CA SER B 22 -24.65 9.68 -25.06
C SER B 22 -24.38 8.72 -23.90
N TYR B 23 -23.57 9.17 -22.95
CA TYR B 23 -23.10 8.33 -21.84
C TYR B 23 -23.64 8.93 -20.54
N GLN B 24 -24.87 8.54 -20.21
CA GLN B 24 -25.54 9.11 -19.04
C GLN B 24 -24.69 8.99 -17.79
N PHE B 25 -24.08 7.83 -17.58
CA PHE B 25 -23.25 7.64 -16.40
C PHE B 25 -21.84 8.22 -16.58
N TRP B 26 -21.17 7.83 -17.66
CA TRP B 26 -19.78 8.23 -17.81
C TRP B 26 -19.62 9.72 -17.99
N ASP B 27 -20.65 10.44 -18.45
CA ASP B 27 -20.55 11.90 -18.49
C ASP B 27 -20.45 12.52 -17.10
N THR B 28 -20.85 11.81 -16.04
CA THR B 28 -20.78 12.33 -14.68
C THR B 28 -19.45 12.03 -13.99
N GLN B 29 -18.57 11.30 -14.63
CA GLN B 29 -17.34 10.77 -14.06
C GLN B 29 -16.14 11.57 -14.51
N PRO B 30 -15.06 11.54 -13.70
CA PRO B 30 -13.83 12.29 -14.02
C PRO B 30 -12.98 11.55 -15.04
N VAL B 31 -13.51 11.46 -16.25
CA VAL B 31 -12.83 10.91 -17.42
C VAL B 31 -13.01 11.90 -18.57
N PRO B 32 -12.11 11.89 -19.55
CA PRO B 32 -12.24 12.84 -20.65
C PRO B 32 -13.39 12.46 -21.58
N LYS B 33 -13.85 13.44 -22.34
CA LYS B 33 -14.92 13.21 -23.30
C LYS B 33 -14.39 12.51 -24.54
N LEU B 34 -15.23 11.66 -25.13
CA LEU B 34 -14.83 10.88 -26.29
C LEU B 34 -14.31 11.75 -27.41
N GLY B 35 -14.89 12.95 -27.58
CA GLY B 35 -14.39 13.86 -28.60
C GLY B 35 -13.00 14.39 -28.29
N GLU B 36 -12.72 14.67 -27.01
CA GLU B 36 -11.50 15.35 -26.61
C GLU B 36 -10.25 14.71 -27.21
N VAL B 37 -9.40 15.54 -27.79
CA VAL B 37 -8.00 15.20 -28.00
C VAL B 37 -7.25 15.82 -26.83
N VAL B 38 -6.51 15.00 -26.11
CA VAL B 38 -5.93 15.42 -24.84
C VAL B 38 -4.45 15.71 -25.03
N ASN B 39 -3.98 16.83 -24.48
CA ASN B 39 -2.57 17.14 -24.54
C ASN B 39 -1.96 17.44 -23.17
N THR B 40 -2.73 17.38 -22.09
CA THR B 40 -2.24 17.59 -20.75
C THR B 40 -1.98 16.23 -20.06
N HIS B 41 -1.43 16.28 -18.85
CA HIS B 41 -1.14 15.08 -18.06
C HIS B 41 -1.49 15.35 -16.60
N GLY B 42 -2.56 14.75 -16.10
CA GLY B 42 -2.80 14.84 -14.68
C GLY B 42 -4.23 14.53 -14.30
N PRO B 43 -4.57 14.72 -13.03
CA PRO B 43 -5.89 14.32 -12.56
C PRO B 43 -7.00 15.21 -13.13
N VAL B 44 -8.18 14.63 -13.22
CA VAL B 44 -9.34 15.42 -13.62
C VAL B 44 -9.87 16.23 -12.46
N GLU B 45 -9.94 15.63 -11.27
CA GLU B 45 -10.48 16.30 -10.10
C GLU B 45 -9.53 16.12 -8.93
N PRO B 46 -9.59 16.99 -7.93
CA PRO B 46 -8.65 16.87 -6.80
C PRO B 46 -8.92 15.64 -5.94
N ASP B 47 -7.84 15.16 -5.31
CA ASP B 47 -7.99 14.20 -4.22
C ASP B 47 -9.06 14.68 -3.25
N LYS B 48 -9.78 13.75 -2.64
CA LYS B 48 -10.89 14.09 -1.76
C LYS B 48 -10.42 14.07 -0.31
N ASP B 49 -10.62 15.16 0.41
CA ASP B 49 -10.31 15.14 1.83
C ASP B 49 -11.54 14.87 2.68
N ASN B 50 -12.64 14.49 2.03
CA ASN B 50 -13.91 14.22 2.68
C ASN B 50 -14.58 13.14 1.84
N ILE B 51 -14.77 11.93 2.38
CA ILE B 51 -15.30 10.80 1.59
C ILE B 51 -16.59 10.28 2.21
N ARG B 52 -17.60 10.05 1.36
CA ARG B 52 -18.88 9.46 1.73
C ARG B 52 -18.69 8.20 2.57
N GLN B 53 -19.22 8.18 3.79
CA GLN B 53 -19.02 7.04 4.69
C GLN B 53 -20.02 5.92 4.48
N GLU B 54 -21.17 6.25 3.94
CA GLU B 54 -22.26 5.30 3.71
C GLU B 54 -22.15 4.68 2.33
N PRO B 55 -22.34 3.36 2.23
CA PRO B 55 -22.43 2.71 0.92
C PRO B 55 -23.55 3.32 0.09
N TYR B 56 -23.38 3.27 -1.22
CA TYR B 56 -24.44 3.72 -2.12
C TYR B 56 -25.66 2.82 -2.01
N THR B 57 -26.81 3.40 -2.32
CA THR B 57 -28.08 2.69 -2.24
C THR B 57 -28.25 1.73 -3.41
N LEU B 58 -28.48 0.46 -3.10
CA LEU B 58 -28.84 -0.52 -4.11
C LEU B 58 -30.35 -0.56 -4.29
N PRO B 59 -30.82 -1.11 -5.40
CA PRO B 59 -32.26 -1.34 -5.56
C PRO B 59 -32.82 -2.15 -4.40
N GLN B 60 -34.10 -1.94 -4.12
CA GLN B 60 -34.78 -2.66 -3.06
C GLN B 60 -34.55 -4.16 -3.20
N GLY B 61 -34.19 -4.80 -2.09
CA GLY B 61 -34.00 -6.24 -2.12
C GLY B 61 -32.59 -6.71 -2.41
N PHE B 62 -31.63 -5.79 -2.54
CA PHE B 62 -30.23 -6.17 -2.74
C PHE B 62 -29.36 -5.45 -1.71
N THR B 63 -28.23 -6.08 -1.36
CA THR B 63 -27.35 -5.56 -0.32
C THR B 63 -25.90 -5.85 -0.69
N TRP B 64 -25.01 -5.00 -0.19
CA TRP B 64 -23.56 -5.18 -0.37
C TRP B 64 -23.04 -6.30 0.50
N ASP B 65 -21.96 -6.94 0.03
CA ASP B 65 -21.23 -7.91 0.85
C ASP B 65 -19.81 -8.04 0.34
N ALA B 66 -18.83 -7.79 1.20
CA ALA B 66 -17.42 -8.03 0.87
C ALA B 66 -17.16 -9.53 0.89
N LEU B 67 -16.58 -10.06 -0.17
CA LEU B 67 -16.42 -11.51 -0.31
C LEU B 67 -15.05 -11.92 0.23
N ASP B 68 -15.03 -12.67 1.33
CA ASP B 68 -13.79 -13.26 1.83
C ASP B 68 -13.47 -14.49 0.98
N LEU B 69 -12.49 -14.36 0.07
CA LEU B 69 -12.17 -15.42 -0.88
C LEU B 69 -11.37 -16.55 -0.24
N GLY B 70 -10.87 -16.35 0.98
CA GLY B 70 -10.30 -17.44 1.77
C GLY B 70 -11.33 -18.42 2.30
N ASP B 71 -12.60 -18.05 2.23
CA ASP B 71 -13.70 -18.97 2.47
C ASP B 71 -14.00 -19.72 1.18
N ARG B 72 -13.78 -21.04 1.18
CA ARG B 72 -13.93 -21.82 -0.04
C ARG B 72 -15.35 -21.75 -0.59
N GLY B 73 -16.36 -21.79 0.29
CA GLY B 73 -17.73 -21.67 -0.17
C GLY B 73 -18.01 -20.34 -0.84
N VAL B 74 -17.45 -19.25 -0.29
CA VAL B 74 -17.64 -17.94 -0.90
C VAL B 74 -16.91 -17.86 -2.24
N LEU B 75 -15.67 -18.35 -2.30
CA LEU B 75 -14.95 -18.41 -3.57
C LEU B 75 -15.75 -19.19 -4.61
N LYS B 76 -16.40 -20.27 -4.19
CA LYS B 76 -17.20 -21.03 -5.14
C LYS B 76 -18.38 -20.22 -5.65
N GLU B 77 -19.03 -19.43 -4.77
CA GLU B 77 -20.11 -18.57 -5.23
C GLU B 77 -19.62 -17.57 -6.28
N LEU B 78 -18.43 -16.99 -6.07
CA LEU B 78 -17.92 -16.04 -7.06
C LEU B 78 -17.64 -16.72 -8.39
N TYR B 79 -16.95 -17.86 -8.37
CA TYR B 79 -16.66 -18.42 -9.68
C TYR B 79 -17.90 -18.97 -10.35
N THR B 80 -18.94 -19.34 -9.58
CA THR B 80 -20.19 -19.72 -10.21
C THR B 80 -20.86 -18.52 -10.87
N LEU B 81 -20.92 -17.39 -10.16
CA LEU B 81 -21.44 -16.17 -10.77
C LEU B 81 -20.68 -15.85 -12.04
N LEU B 82 -19.35 -15.85 -11.97
CA LEU B 82 -18.58 -15.49 -13.16
C LEU B 82 -18.74 -16.53 -14.27
N ASN B 83 -18.67 -17.81 -13.91
N ASN B 83 -18.67 -17.82 -13.93
CA ASN B 83 -18.79 -18.89 -14.90
CA ASN B 83 -18.76 -18.82 -14.97
C ASN B 83 -20.10 -18.80 -15.65
C ASN B 83 -20.12 -18.84 -15.66
N GLU B 84 -21.16 -18.31 -15.02
CA GLU B 84 -22.48 -18.27 -15.64
C GLU B 84 -22.86 -16.91 -16.20
N ASN B 85 -22.18 -15.82 -15.80
CA ASN B 85 -22.64 -14.49 -16.17
C ASN B 85 -21.54 -13.54 -16.66
N TYR B 86 -20.30 -13.99 -16.82
CA TYR B 86 -19.22 -13.06 -17.14
C TYR B 86 -19.03 -12.97 -18.66
N VAL B 87 -17.85 -12.49 -19.08
CA VAL B 87 -17.63 -12.09 -20.47
C VAL B 87 -17.84 -13.25 -21.42
N GLU B 88 -18.54 -12.98 -22.53
CA GLU B 88 -18.67 -13.91 -23.62
C GLU B 88 -18.06 -13.32 -24.89
N ASP B 89 -17.74 -14.21 -25.84
CA ASP B 89 -17.26 -13.79 -27.15
C ASP B 89 -18.39 -13.13 -27.93
N ASP B 90 -18.00 -12.38 -28.98
CA ASP B 90 -18.96 -11.58 -29.71
C ASP B 90 -20.11 -12.41 -30.27
N ASP B 91 -19.86 -13.68 -30.60
CA ASP B 91 -20.89 -14.55 -31.16
C ASP B 91 -21.61 -15.40 -30.12
N ASN B 92 -21.36 -15.16 -28.83
CA ASN B 92 -22.07 -15.83 -27.74
C ASN B 92 -21.89 -17.35 -27.77
N MET B 93 -20.69 -17.79 -28.15
CA MET B 93 -20.40 -19.22 -28.19
C MET B 93 -19.47 -19.69 -27.09
N PHE B 94 -18.68 -18.81 -26.49
CA PHE B 94 -17.70 -19.19 -25.48
C PHE B 94 -17.64 -18.15 -24.38
N ARG B 95 -17.59 -18.64 -23.12
CA ARG B 95 -17.48 -17.82 -21.94
C ARG B 95 -16.26 -18.23 -21.12
N PHE B 96 -15.54 -17.24 -20.57
CA PHE B 96 -14.42 -17.55 -19.70
C PHE B 96 -14.85 -18.51 -18.59
N ASP B 97 -13.94 -19.42 -18.23
CA ASP B 97 -14.16 -20.37 -17.14
C ASP B 97 -13.04 -20.15 -16.13
N TYR B 98 -13.15 -19.10 -15.34
CA TYR B 98 -12.15 -18.82 -14.32
C TYR B 98 -12.26 -19.85 -13.20
N SER B 99 -11.10 -20.46 -12.82
CA SER B 99 -11.07 -21.45 -11.74
C SER B 99 -10.92 -20.78 -10.39
N PRO B 100 -11.28 -21.46 -9.29
CA PRO B 100 -11.04 -20.86 -7.96
C PRO B 100 -9.61 -20.43 -7.76
N GLU B 101 -8.66 -21.29 -8.11
CA GLU B 101 -7.25 -20.99 -7.90
C GLU B 101 -6.79 -19.82 -8.78
N PHE B 102 -7.31 -19.72 -10.00
CA PHE B 102 -7.00 -18.55 -10.82
C PHE B 102 -7.51 -17.29 -10.13
N LEU B 103 -8.75 -17.34 -9.63
CA LEU B 103 -9.31 -16.14 -9.03
C LEU B 103 -8.49 -15.70 -7.81
N LEU B 104 -8.02 -16.65 -7.00
CA LEU B 104 -7.17 -16.26 -5.87
C LEU B 104 -5.91 -15.55 -6.36
N TRP B 105 -5.33 -16.02 -7.46
CA TRP B 105 -4.15 -15.39 -8.04
C TRP B 105 -4.47 -13.98 -8.53
N ALA B 106 -5.60 -13.81 -9.21
CA ALA B 106 -5.93 -12.50 -9.76
C ALA B 106 -6.37 -11.54 -8.67
N LEU B 107 -7.00 -12.04 -7.61
CA LEU B 107 -7.70 -11.18 -6.66
C LEU B 107 -7.00 -11.07 -5.31
N ARG B 108 -6.02 -11.93 -5.02
CA ARG B 108 -5.21 -11.67 -3.81
C ARG B 108 -3.72 -11.45 -4.08
N PRO B 109 -3.34 -10.50 -4.95
CA PRO B 109 -1.95 -10.11 -5.05
C PRO B 109 -1.52 -9.36 -3.80
N PRO B 110 -0.24 -9.02 -3.67
CA PRO B 110 0.21 -8.24 -2.51
C PRO B 110 -0.60 -6.95 -2.37
N GLY B 111 -1.09 -6.72 -1.16
CA GLY B 111 -1.85 -5.52 -0.87
C GLY B 111 -3.34 -5.64 -1.08
N TRP B 112 -3.83 -6.82 -1.45
CA TRP B 112 -5.26 -7.00 -1.63
C TRP B 112 -6.00 -6.64 -0.35
N LEU B 113 -7.23 -6.17 -0.51
CA LEU B 113 -8.09 -5.80 0.62
C LEU B 113 -9.45 -6.46 0.49
N PRO B 114 -10.02 -6.96 1.58
CA PRO B 114 -11.31 -7.66 1.46
C PRO B 114 -12.46 -6.74 1.09
N GLN B 115 -12.44 -5.48 1.53
CA GLN B 115 -13.50 -4.55 1.16
C GLN B 115 -13.51 -4.27 -0.34
N TRP B 116 -12.41 -4.58 -1.04
CA TRP B 116 -12.31 -4.37 -2.48
C TRP B 116 -12.76 -5.58 -3.29
N HIS B 117 -13.29 -6.61 -2.65
CA HIS B 117 -13.94 -7.74 -3.31
C HIS B 117 -15.43 -7.53 -3.06
N CYS B 118 -16.05 -6.71 -3.91
CA CYS B 118 -17.30 -6.03 -3.58
C CYS B 118 -18.45 -6.80 -4.21
N GLY B 119 -19.20 -7.57 -3.40
CA GLY B 119 -20.30 -8.36 -3.91
C GLY B 119 -21.64 -7.69 -3.70
N VAL B 120 -22.63 -8.12 -4.49
CA VAL B 120 -24.03 -7.75 -4.30
C VAL B 120 -24.81 -9.04 -4.11
N ARG B 121 -25.63 -9.10 -3.08
CA ARG B 121 -26.45 -10.28 -2.80
C ARG B 121 -27.92 -9.92 -2.69
N VAL B 122 -28.77 -10.88 -3.06
CA VAL B 122 -30.19 -10.78 -2.76
C VAL B 122 -30.37 -10.78 -1.25
N VAL B 123 -31.18 -9.85 -0.73
CA VAL B 123 -31.33 -9.74 0.73
C VAL B 123 -31.92 -11.01 1.31
N SER B 124 -32.99 -11.52 0.71
CA SER B 124 -33.75 -12.61 1.34
C SER B 124 -32.99 -13.92 1.26
N SER B 125 -32.44 -14.25 0.09
CA SER B 125 -31.79 -15.53 -0.16
C SER B 125 -30.28 -15.50 0.04
N ARG B 126 -29.67 -14.32 0.05
CA ARG B 126 -28.22 -14.13 0.08
C ARG B 126 -27.53 -14.60 -1.19
N LYS B 127 -28.26 -14.85 -2.28
CA LYS B 127 -27.62 -15.30 -3.52
C LYS B 127 -26.73 -14.19 -4.10
N LEU B 128 -25.54 -14.58 -4.57
CA LEU B 128 -24.59 -13.64 -5.14
C LEU B 128 -25.02 -13.30 -6.56
N VAL B 129 -25.31 -12.03 -6.80
CA VAL B 129 -25.84 -11.58 -8.08
C VAL B 129 -25.02 -10.46 -8.72
N GLY B 130 -23.98 -9.97 -8.06
CA GLY B 130 -23.13 -8.94 -8.63
C GLY B 130 -21.76 -8.92 -7.99
N PHE B 131 -20.79 -8.38 -8.72
CA PHE B 131 -19.43 -8.29 -8.21
C PHE B 131 -18.65 -7.23 -8.99
N ILE B 132 -17.69 -6.62 -8.29
CA ILE B 132 -16.64 -5.81 -8.92
C ILE B 132 -15.47 -5.83 -7.97
N SER B 133 -14.24 -5.73 -8.51
CA SER B 133 -13.07 -5.84 -7.66
C SER B 133 -12.05 -4.77 -7.96
N ALA B 134 -11.27 -4.43 -6.95
CA ALA B 134 -10.09 -3.60 -7.11
C ALA B 134 -8.90 -4.29 -6.46
N ILE B 135 -7.74 -4.19 -7.11
CA ILE B 135 -6.47 -4.59 -6.49
C ILE B 135 -5.50 -3.43 -6.64
N PRO B 136 -4.59 -3.22 -5.71
CA PRO B 136 -3.69 -2.09 -5.79
C PRO B 136 -2.60 -2.35 -6.82
N ALA B 137 -2.16 -1.26 -7.46
CA ALA B 137 -1.02 -1.40 -8.37
C ALA B 137 -0.36 -0.04 -8.54
N ASN B 138 0.96 -0.02 -8.52
N ASN B 138 0.96 -0.05 -8.54
CA ASN B 138 1.69 1.18 -8.89
CA ASN B 138 1.75 1.12 -8.92
C ASN B 138 1.83 1.20 -10.41
C ASN B 138 1.83 1.18 -10.44
N ILE B 139 1.48 2.33 -11.01
CA ILE B 139 1.34 2.46 -12.46
C ILE B 139 2.21 3.60 -12.94
N HIS B 140 2.98 3.34 -13.99
CA HIS B 140 3.78 4.35 -14.66
C HIS B 140 3.01 4.78 -15.90
N ILE B 141 2.60 6.04 -15.95
CA ILE B 141 1.88 6.55 -17.11
C ILE B 141 2.65 7.77 -17.62
N TYR B 142 3.22 7.66 -18.82
CA TYR B 142 4.16 8.65 -19.34
C TYR B 142 5.24 8.97 -18.31
N ASP B 143 5.30 10.19 -17.80
CA ASP B 143 6.36 10.61 -16.89
C ASP B 143 5.95 10.59 -15.43
N THR B 144 4.84 9.94 -15.09
CA THR B 144 4.34 9.93 -13.72
C THR B 144 4.15 8.50 -13.23
N GLU B 145 4.59 8.26 -12.00
N GLU B 145 4.55 8.25 -11.98
CA GLU B 145 4.26 7.03 -11.28
CA GLU B 145 4.27 6.99 -11.29
C GLU B 145 3.17 7.38 -10.27
C GLU B 145 3.25 7.27 -10.21
N LYS B 146 2.11 6.57 -10.25
CA LYS B 146 0.95 6.83 -9.40
C LYS B 146 0.52 5.52 -8.76
N LYS B 147 0.26 5.55 -7.45
N LYS B 147 0.25 5.55 -7.46
CA LYS B 147 -0.45 4.43 -6.84
CA LYS B 147 -0.45 4.43 -6.84
C LYS B 147 -1.89 4.45 -7.31
C LYS B 147 -1.90 4.45 -7.31
N MET B 148 -2.35 3.34 -7.90
CA MET B 148 -3.70 3.24 -8.45
C MET B 148 -4.31 1.92 -7.99
N VAL B 149 -5.52 1.65 -8.47
CA VAL B 149 -6.07 0.31 -8.42
C VAL B 149 -6.37 -0.15 -9.84
N GLU B 150 -6.38 -1.46 -10.02
CA GLU B 150 -6.88 -2.09 -11.24
C GLU B 150 -8.26 -2.67 -10.97
N ILE B 151 -9.22 -2.30 -11.78
CA ILE B 151 -10.60 -2.76 -11.63
C ILE B 151 -10.82 -3.93 -12.58
N ASN B 152 -11.47 -4.98 -12.08
CA ASN B 152 -11.70 -6.17 -12.86
C ASN B 152 -12.97 -6.86 -12.36
N PHE B 153 -13.47 -7.78 -13.18
CA PHE B 153 -14.52 -8.73 -12.81
C PHE B 153 -15.83 -8.03 -12.49
N LEU B 154 -16.11 -6.91 -13.15
CA LEU B 154 -17.44 -6.31 -13.05
C LEU B 154 -18.43 -7.27 -13.68
N CYS B 155 -19.41 -7.70 -12.89
CA CYS B 155 -20.29 -8.77 -13.33
C CYS B 155 -21.64 -8.60 -12.66
N VAL B 156 -22.69 -8.63 -13.47
CA VAL B 156 -24.07 -8.54 -12.99
C VAL B 156 -24.83 -9.75 -13.52
N HIS B 157 -25.56 -10.42 -12.63
CA HIS B 157 -26.31 -11.62 -13.00
C HIS B 157 -27.20 -11.33 -14.23
N LYS B 158 -27.24 -12.28 -15.16
CA LYS B 158 -27.93 -12.08 -16.44
C LYS B 158 -29.38 -11.62 -16.26
N LYS B 159 -29.99 -11.95 -15.14
N LYS B 159 -30.00 -11.94 -15.13
CA LYS B 159 -31.37 -11.57 -14.88
CA LYS B 159 -31.38 -11.55 -14.89
C LYS B 159 -31.50 -10.25 -14.12
C LYS B 159 -31.50 -10.27 -14.07
N LEU B 160 -30.39 -9.61 -13.77
CA LEU B 160 -30.41 -8.25 -13.24
C LEU B 160 -29.95 -7.22 -14.25
N ARG B 161 -29.58 -7.63 -15.47
CA ARG B 161 -28.95 -6.73 -16.43
C ARG B 161 -29.90 -5.62 -16.83
N SER B 162 -29.33 -4.53 -17.35
CA SER B 162 -30.07 -3.37 -17.86
C SER B 162 -30.95 -2.71 -16.81
N LYS B 163 -30.62 -2.90 -15.52
N LYS B 163 -30.64 -2.94 -15.52
CA LYS B 163 -31.33 -2.25 -14.44
CA LYS B 163 -31.30 -2.32 -14.38
C LYS B 163 -30.40 -1.31 -13.68
C LYS B 163 -30.40 -1.31 -13.67
N ARG B 164 -29.39 -0.81 -14.38
CA ARG B 164 -28.33 0.08 -13.86
C ARG B 164 -27.80 -0.30 -12.48
N VAL B 165 -27.56 -1.58 -12.25
CA VAL B 165 -26.74 -1.97 -11.10
C VAL B 165 -25.25 -1.70 -11.38
N ALA B 166 -24.82 -1.79 -12.64
CA ALA B 166 -23.41 -1.56 -12.94
C ALA B 166 -22.92 -0.19 -12.50
N PRO B 167 -23.62 0.92 -12.79
CA PRO B 167 -23.13 2.20 -12.27
C PRO B 167 -23.04 2.26 -10.76
N VAL B 168 -23.92 1.55 -10.04
CA VAL B 168 -23.85 1.56 -8.59
C VAL B 168 -22.63 0.79 -8.12
N LEU B 169 -22.35 -0.36 -8.74
CA LEU B 169 -21.12 -1.09 -8.45
C LEU B 169 -19.90 -0.22 -8.70
N ILE B 170 -19.89 0.54 -9.79
CA ILE B 170 -18.74 1.39 -10.08
C ILE B 170 -18.57 2.48 -9.03
N ARG B 171 -19.68 3.13 -8.64
CA ARG B 171 -19.57 4.18 -7.65
C ARG B 171 -19.13 3.62 -6.31
N GLU B 172 -19.60 2.43 -5.96
CA GLU B 172 -19.30 1.90 -4.63
C GLU B 172 -17.84 1.46 -4.54
N ILE B 173 -17.29 0.82 -5.58
CA ILE B 173 -15.87 0.47 -5.51
C ILE B 173 -15.04 1.74 -5.55
N THR B 174 -15.49 2.77 -6.29
CA THR B 174 -14.81 4.06 -6.26
C THR B 174 -14.74 4.61 -4.83
N ARG B 175 -15.88 4.62 -4.15
CA ARG B 175 -15.93 5.11 -2.76
C ARG B 175 -14.96 4.33 -1.87
N ARG B 176 -14.97 3.00 -2.01
CA ARG B 176 -14.16 2.15 -1.14
C ARG B 176 -12.68 2.32 -1.42
N VAL B 177 -12.32 2.59 -2.67
CA VAL B 177 -10.93 2.88 -2.99
C VAL B 177 -10.54 4.27 -2.49
N HIS B 178 -11.42 5.26 -2.67
CA HIS B 178 -11.18 6.60 -2.12
C HIS B 178 -10.89 6.54 -0.62
N LEU B 179 -11.62 5.70 0.12
CA LEU B 179 -11.40 5.63 1.57
C LEU B 179 -9.97 5.25 1.92
N GLU B 180 -9.29 4.55 1.02
CA GLU B 180 -7.92 4.14 1.27
C GLU B 180 -6.92 5.14 0.69
N GLY B 181 -7.37 6.30 0.25
CA GLY B 181 -6.47 7.35 -0.19
C GLY B 181 -6.03 7.23 -1.63
N ILE B 182 -6.71 6.45 -2.45
CA ILE B 182 -6.32 6.21 -3.85
C ILE B 182 -7.37 6.85 -4.75
N PHE B 183 -6.90 7.58 -5.79
CA PHE B 183 -7.79 8.43 -6.58
C PHE B 183 -7.66 8.23 -8.07
N GLN B 184 -6.89 7.24 -8.52
CA GLN B 184 -6.80 6.87 -9.93
C GLN B 184 -7.00 5.37 -10.08
N ALA B 185 -7.47 4.95 -11.25
CA ALA B 185 -7.62 3.53 -11.55
C ALA B 185 -7.32 3.26 -13.02
N VAL B 186 -6.97 2.01 -13.30
CA VAL B 186 -6.78 1.52 -14.67
C VAL B 186 -7.72 0.33 -14.85
N TYR B 187 -8.29 0.18 -16.05
CA TYR B 187 -9.24 -0.88 -16.33
C TYR B 187 -9.30 -1.08 -17.83
N THR B 188 -9.72 -2.28 -18.24
CA THR B 188 -9.92 -2.58 -19.65
C THR B 188 -11.32 -3.10 -19.88
N ALA B 189 -11.77 -2.97 -21.13
CA ALA B 189 -13.11 -3.40 -21.54
C ALA B 189 -13.13 -3.60 -23.04
N GLY B 190 -13.97 -4.53 -23.49
CA GLY B 190 -14.23 -4.72 -24.91
C GLY B 190 -15.12 -3.67 -25.53
N VAL B 191 -15.79 -2.86 -24.72
N VAL B 191 -15.75 -2.85 -24.70
CA VAL B 191 -16.68 -1.84 -25.22
CA VAL B 191 -16.68 -1.82 -25.12
C VAL B 191 -15.96 -0.50 -25.17
C VAL B 191 -15.95 -0.49 -25.14
N VAL B 192 -16.38 0.42 -26.02
CA VAL B 192 -15.83 1.77 -26.05
C VAL B 192 -16.62 2.65 -25.08
N LEU B 193 -15.90 3.35 -24.23
CA LEU B 193 -16.41 4.30 -23.25
C LEU B 193 -15.57 5.55 -23.31
N PRO B 194 -16.04 6.65 -22.73
CA PRO B 194 -15.13 7.79 -22.50
C PRO B 194 -14.08 7.38 -21.46
N LYS B 195 -12.79 7.42 -21.83
CA LYS B 195 -12.23 7.54 -23.18
C LYS B 195 -10.98 6.64 -23.21
N PRO B 196 -10.83 5.79 -24.22
CA PRO B 196 -9.66 4.89 -24.23
C PRO B 196 -8.34 5.65 -24.22
N VAL B 197 -7.42 5.22 -23.36
CA VAL B 197 -6.04 5.70 -23.46
C VAL B 197 -5.29 4.90 -24.51
N GLY B 198 -5.83 3.76 -24.93
CA GLY B 198 -5.19 2.90 -25.92
C GLY B 198 -6.13 1.81 -26.37
N THR B 199 -6.06 1.42 -27.64
CA THR B 199 -6.91 0.36 -28.17
C THR B 199 -6.02 -0.78 -28.64
N CYS B 200 -6.26 -1.98 -28.12
CA CYS B 200 -5.51 -3.16 -28.50
C CYS B 200 -6.45 -4.16 -29.17
N ARG B 201 -5.85 -5.11 -29.88
CA ARG B 201 -6.60 -6.14 -30.57
C ARG B 201 -6.05 -7.49 -30.16
N TYR B 202 -6.94 -8.45 -29.90
CA TYR B 202 -6.52 -9.82 -29.65
C TYR B 202 -6.24 -10.54 -30.96
N TRP B 203 -5.21 -11.38 -30.92
CA TRP B 203 -4.81 -12.27 -32.01
C TRP B 203 -4.74 -13.68 -31.44
N HIS B 204 -4.90 -14.68 -32.31
CA HIS B 204 -5.00 -16.06 -31.88
C HIS B 204 -4.05 -16.94 -32.68
N ARG B 205 -3.36 -17.86 -31.99
CA ARG B 205 -2.46 -18.81 -32.65
C ARG B 205 -2.98 -20.23 -32.41
N SER B 206 -3.50 -20.87 -33.45
CA SER B 206 -3.99 -22.23 -33.31
C SER B 206 -2.86 -23.17 -32.92
N LEU B 207 -3.12 -24.00 -31.92
CA LEU B 207 -2.24 -25.08 -31.51
C LEU B 207 -2.83 -26.44 -31.80
N ASN B 208 -4.14 -26.57 -31.62
CA ASN B 208 -4.89 -27.80 -31.87
C ASN B 208 -5.97 -27.49 -32.90
N PRO B 209 -5.59 -27.28 -34.17
CA PRO B 209 -6.56 -26.80 -35.16
C PRO B 209 -7.78 -27.68 -35.31
N ARG B 210 -7.63 -29.00 -35.18
CA ARG B 210 -8.76 -29.90 -35.33
C ARG B 210 -9.84 -29.58 -34.31
N LYS B 211 -9.47 -29.47 -33.04
CA LYS B 211 -10.46 -29.18 -32.00
C LYS B 211 -11.06 -27.79 -32.16
N LEU B 212 -10.24 -26.82 -32.56
CA LEU B 212 -10.75 -25.45 -32.70
C LEU B 212 -11.81 -25.36 -33.79
N ILE B 213 -11.62 -26.11 -34.88
CA ILE B 213 -12.61 -26.07 -35.96
C ILE B 213 -13.85 -26.84 -35.55
N GLU B 214 -13.68 -27.91 -34.76
CA GLU B 214 -14.82 -28.75 -34.38
C GLU B 214 -15.75 -28.05 -33.38
N VAL B 215 -15.21 -27.18 -32.53
CA VAL B 215 -16.05 -26.39 -31.62
C VAL B 215 -16.42 -25.03 -32.20
N LYS B 216 -16.12 -24.79 -33.47
CA LYS B 216 -16.45 -23.55 -34.18
C LYS B 216 -15.73 -22.33 -33.61
N PHE B 217 -14.67 -22.53 -32.83
CA PHE B 217 -13.76 -21.43 -32.53
C PHE B 217 -13.05 -20.96 -33.79
N SER B 218 -12.65 -21.91 -34.63
CA SER B 218 -12.05 -21.69 -35.93
C SER B 218 -12.92 -22.33 -37.01
N HIS B 219 -12.66 -21.95 -38.26
CA HIS B 219 -13.31 -22.58 -39.40
C HIS B 219 -12.26 -22.84 -40.48
N LEU B 220 -12.48 -23.91 -41.26
CA LEU B 220 -11.55 -24.23 -42.34
C LEU B 220 -11.53 -23.11 -43.38
N SER B 221 -10.35 -22.54 -43.61
CA SER B 221 -10.22 -21.31 -44.37
C SER B 221 -10.23 -21.60 -45.87
N ARG B 222 -11.22 -21.07 -46.57
CA ARG B 222 -11.28 -21.06 -48.05
C ARG B 222 -11.20 -22.50 -48.56
N ASN B 223 -10.36 -22.79 -49.56
CA ASN B 223 -10.12 -24.16 -50.01
C ASN B 223 -8.84 -24.63 -49.33
N MET B 224 -9.01 -25.33 -48.20
CA MET B 224 -7.88 -25.74 -47.37
C MET B 224 -8.37 -26.90 -46.51
N THR B 225 -7.82 -28.09 -46.74
CA THR B 225 -8.28 -29.26 -46.02
C THR B 225 -7.90 -29.18 -44.55
N MET B 226 -8.54 -30.05 -43.76
CA MET B 226 -8.10 -30.26 -42.39
C MET B 226 -6.66 -30.74 -42.34
N GLN B 227 -6.32 -31.70 -43.22
CA GLN B 227 -4.95 -32.19 -43.28
C GLN B 227 -3.96 -31.05 -43.49
N ARG B 228 -4.28 -30.16 -44.45
CA ARG B 228 -3.38 -29.05 -44.75
C ARG B 228 -3.29 -28.05 -43.60
N THR B 229 -4.39 -27.88 -42.87
CA THR B 229 -4.39 -26.94 -41.75
C THR B 229 -3.50 -27.44 -40.62
N MET B 230 -3.56 -28.74 -40.31
CA MET B 230 -2.72 -29.27 -39.24
C MET B 230 -1.24 -29.14 -39.60
N LYS B 231 -0.89 -29.42 -40.86
CA LYS B 231 0.50 -29.24 -41.28
C LYS B 231 0.94 -27.78 -41.14
N LEU B 232 0.08 -26.84 -41.55
CA LEU B 232 0.46 -25.44 -41.48
C LEU B 232 0.77 -25.01 -40.04
N TYR B 233 -0.03 -25.44 -39.07
CA TYR B 233 0.14 -25.04 -37.68
C TYR B 233 1.05 -25.99 -36.90
N ARG B 234 1.69 -26.92 -37.59
CA ARG B 234 2.60 -27.86 -36.95
C ARG B 234 3.71 -27.12 -36.23
N LEU B 235 4.01 -27.56 -35.00
CA LEU B 235 5.11 -27.00 -34.22
C LEU B 235 6.08 -28.11 -33.84
N PRO B 236 7.38 -27.79 -33.75
CA PRO B 236 8.33 -28.78 -33.22
C PRO B 236 7.93 -29.17 -31.81
N GLU B 237 8.39 -30.35 -31.37
CA GLU B 237 7.95 -30.81 -30.06
C GLU B 237 8.89 -30.43 -28.92
N THR B 238 10.02 -29.79 -29.21
CA THR B 238 10.84 -29.23 -28.14
C THR B 238 11.29 -27.83 -28.52
N PRO B 239 11.38 -26.92 -27.55
CA PRO B 239 11.82 -25.55 -27.86
C PRO B 239 13.27 -25.49 -28.30
N LYS B 240 13.59 -24.42 -29.03
CA LYS B 240 14.90 -24.28 -29.65
C LYS B 240 15.89 -23.44 -28.84
N THR B 241 15.41 -22.57 -27.96
CA THR B 241 16.34 -21.67 -27.27
C THR B 241 17.17 -22.42 -26.23
N ALA B 242 18.49 -22.24 -26.33
CA ALA B 242 19.44 -22.81 -25.39
C ALA B 242 19.19 -22.30 -23.98
N GLY B 243 19.09 -23.23 -23.02
CA GLY B 243 19.04 -22.84 -21.62
C GLY B 243 17.67 -22.48 -21.10
N LEU B 244 16.61 -22.74 -21.86
CA LEU B 244 15.26 -22.45 -21.41
C LEU B 244 14.86 -23.44 -20.32
N ARG B 245 14.24 -22.93 -19.25
CA ARG B 245 13.80 -23.77 -18.15
C ARG B 245 12.75 -23.01 -17.36
N PRO B 246 11.91 -23.69 -16.58
CA PRO B 246 10.95 -22.96 -15.76
C PRO B 246 11.61 -22.03 -14.76
N MET B 247 10.94 -20.92 -14.49
CA MET B 247 11.37 -20.02 -13.43
C MET B 247 11.35 -20.74 -12.09
N GLU B 248 12.39 -20.49 -11.28
CA GLU B 248 12.47 -20.97 -9.91
C GLU B 248 12.59 -19.80 -8.96
N THR B 249 12.58 -20.10 -7.66
CA THR B 249 12.64 -19.06 -6.64
C THR B 249 13.90 -18.20 -6.80
N LYS B 250 15.04 -18.81 -7.10
CA LYS B 250 16.29 -18.08 -7.23
C LYS B 250 16.25 -17.05 -8.35
N ASP B 251 15.31 -17.18 -9.28
CA ASP B 251 15.19 -16.29 -10.42
C ASP B 251 14.34 -15.05 -10.12
N ILE B 252 13.68 -14.99 -8.96
CA ILE B 252 12.78 -13.86 -8.70
C ILE B 252 13.49 -12.51 -8.84
N PRO B 253 14.69 -12.30 -8.27
CA PRO B 253 15.34 -10.99 -8.44
C PRO B 253 15.68 -10.64 -9.87
N VAL B 254 16.26 -11.57 -10.64
CA VAL B 254 16.66 -11.22 -12.00
C VAL B 254 15.44 -11.04 -12.89
N VAL B 255 14.36 -11.82 -12.66
CA VAL B 255 13.14 -11.58 -13.42
C VAL B 255 12.60 -10.19 -13.11
N HIS B 256 12.63 -9.81 -11.84
CA HIS B 256 12.22 -8.46 -11.46
C HIS B 256 13.09 -7.41 -12.15
N GLN B 257 14.41 -7.65 -12.17
CA GLN B 257 15.32 -6.69 -12.79
C GLN B 257 15.07 -6.60 -14.29
N LEU B 258 14.99 -7.75 -14.97
CA LEU B 258 14.74 -7.79 -16.41
C LEU B 258 13.45 -7.08 -16.76
N LEU B 259 12.38 -7.36 -16.02
CA LEU B 259 11.09 -6.76 -16.34
C LEU B 259 11.13 -5.24 -16.16
N THR B 260 11.72 -4.77 -15.06
CA THR B 260 11.70 -3.33 -14.79
C THR B 260 12.43 -2.56 -15.89
N ARG B 261 13.59 -3.07 -16.32
CA ARG B 261 14.34 -2.40 -17.38
C ARG B 261 13.60 -2.45 -18.71
N TYR B 262 12.97 -3.58 -19.01
CA TYR B 262 12.29 -3.76 -20.29
C TYR B 262 11.05 -2.89 -20.41
N LEU B 263 10.31 -2.70 -19.31
CA LEU B 263 9.06 -1.94 -19.38
C LEU B 263 9.29 -0.44 -19.54
N LYS B 264 10.51 0.05 -19.35
CA LYS B 264 10.74 1.50 -19.40
C LYS B 264 10.48 2.07 -20.79
N GLN B 265 10.54 1.25 -21.83
CA GLN B 265 10.35 1.76 -23.17
C GLN B 265 8.88 2.04 -23.51
N PHE B 266 7.94 1.60 -22.67
CA PHE B 266 6.53 1.80 -22.96
C PHE B 266 5.99 2.96 -22.12
N HIS B 267 4.75 3.35 -22.40
CA HIS B 267 4.15 4.52 -21.76
C HIS B 267 3.07 4.21 -20.74
N LEU B 268 2.56 2.98 -20.68
CA LEU B 268 1.62 2.59 -19.62
C LEU B 268 2.08 1.22 -19.13
N THR B 269 2.64 1.16 -17.93
CA THR B 269 3.25 -0.06 -17.43
C THR B 269 3.00 -0.23 -15.94
N PRO B 270 3.05 -1.45 -15.43
CA PRO B 270 3.11 -1.65 -13.97
C PRO B 270 4.52 -1.42 -13.44
N VAL B 271 4.58 -0.95 -12.21
CA VAL B 271 5.83 -0.87 -11.47
C VAL B 271 5.71 -1.88 -10.33
N MET B 272 6.38 -3.02 -10.48
CA MET B 272 6.20 -4.13 -9.56
C MET B 272 7.34 -4.17 -8.54
N SER B 273 6.98 -4.38 -7.28
CA SER B 273 7.96 -4.79 -6.28
C SER B 273 8.43 -6.21 -6.58
N GLN B 274 9.49 -6.62 -5.90
CA GLN B 274 9.96 -8.00 -6.03
C GLN B 274 8.94 -8.99 -5.47
N GLU B 275 8.17 -8.60 -4.44
CA GLU B 275 7.09 -9.49 -3.99
C GLU B 275 5.98 -9.59 -5.03
N GLU B 276 5.68 -8.49 -5.71
CA GLU B 276 4.69 -8.55 -6.77
C GLU B 276 5.19 -9.41 -7.94
N VAL B 277 6.49 -9.34 -8.24
CA VAL B 277 7.04 -10.19 -9.30
C VAL B 277 6.88 -11.65 -8.93
N GLU B 278 7.17 -11.99 -7.67
CA GLU B 278 6.97 -13.36 -7.24
C GLU B 278 5.52 -13.77 -7.44
N HIS B 279 4.58 -12.92 -7.02
CA HIS B 279 3.19 -13.31 -7.11
C HIS B 279 2.76 -13.52 -8.56
N TRP B 280 3.12 -12.60 -9.44
CA TRP B 280 2.55 -12.64 -10.79
C TRP B 280 3.24 -13.64 -11.70
N PHE B 281 4.48 -14.04 -11.40
CA PHE B 281 5.28 -14.83 -12.33
C PHE B 281 5.68 -16.20 -11.82
N TYR B 282 5.77 -16.41 -10.51
CA TYR B 282 6.23 -17.71 -10.03
C TYR B 282 5.26 -18.79 -10.50
N PRO B 283 5.73 -19.86 -11.13
CA PRO B 283 4.79 -20.76 -11.82
C PRO B 283 3.81 -21.42 -10.87
N GLN B 284 2.55 -21.48 -11.29
CA GLN B 284 1.52 -22.25 -10.60
C GLN B 284 0.78 -23.02 -11.67
N GLU B 285 0.74 -24.34 -11.55
CA GLU B 285 0.16 -25.16 -12.61
C GLU B 285 -1.29 -24.78 -12.86
N ASN B 286 -1.63 -24.68 -14.14
CA ASN B 286 -2.97 -24.31 -14.62
C ASN B 286 -3.35 -22.89 -14.29
N ILE B 287 -2.37 -22.05 -13.93
CA ILE B 287 -2.63 -20.63 -13.67
C ILE B 287 -1.63 -19.77 -14.43
N ILE B 288 -0.34 -19.90 -14.08
CA ILE B 288 0.69 -19.04 -14.64
C ILE B 288 1.93 -19.88 -14.91
N ASP B 289 2.48 -19.73 -16.11
CA ASP B 289 3.74 -20.37 -16.51
C ASP B 289 4.75 -19.30 -16.87
N THR B 290 5.97 -19.44 -16.34
CA THR B 290 7.08 -18.56 -16.66
C THR B 290 8.31 -19.41 -16.92
N PHE B 291 8.94 -19.20 -18.08
CA PHE B 291 10.19 -19.87 -18.43
C PHE B 291 11.27 -18.82 -18.61
N VAL B 292 12.45 -19.09 -18.03
CA VAL B 292 13.60 -18.21 -18.15
C VAL B 292 14.63 -18.86 -19.07
N VAL B 293 15.45 -18.01 -19.69
CA VAL B 293 16.62 -18.45 -20.45
C VAL B 293 17.85 -18.22 -19.60
N GLU B 294 18.49 -19.30 -19.17
CA GLU B 294 19.74 -19.23 -18.42
C GLU B 294 20.85 -19.66 -19.37
N ASN B 295 21.76 -18.75 -19.69
CA ASN B 295 22.73 -18.99 -20.76
C ASN B 295 23.91 -19.82 -20.25
N ALA B 296 24.93 -19.94 -21.10
CA ALA B 296 26.09 -20.78 -20.82
C ALA B 296 26.95 -20.24 -19.69
N ASN B 297 26.78 -18.97 -19.33
CA ASN B 297 27.49 -18.37 -18.22
C ASN B 297 26.70 -18.47 -16.93
N GLY B 298 25.49 -19.04 -16.97
CA GLY B 298 24.62 -19.05 -15.81
C GLY B 298 23.78 -17.80 -15.63
N GLU B 299 23.81 -16.88 -16.59
N GLU B 299 23.81 -16.88 -16.58
CA GLU B 299 23.08 -15.63 -16.48
CA GLU B 299 23.08 -15.62 -16.46
C GLU B 299 21.70 -15.78 -17.08
C GLU B 299 21.70 -15.78 -17.08
N VAL B 300 20.67 -15.31 -16.38
CA VAL B 300 19.31 -15.31 -16.91
C VAL B 300 19.15 -14.04 -17.73
N THR B 301 18.91 -14.21 -19.03
CA THR B 301 18.91 -13.09 -19.97
C THR B 301 17.54 -12.77 -20.55
N ASP B 302 16.57 -13.67 -20.44
CA ASP B 302 15.27 -13.49 -21.05
C ASP B 302 14.24 -14.28 -20.26
N PHE B 303 12.97 -13.91 -20.43
CA PHE B 303 11.93 -14.82 -19.97
C PHE B 303 10.65 -14.62 -20.77
N LEU B 304 9.85 -15.68 -20.79
CA LEU B 304 8.54 -15.67 -21.41
C LEU B 304 7.52 -16.10 -20.37
N SER B 305 6.27 -15.65 -20.53
CA SER B 305 5.25 -16.07 -19.59
C SER B 305 3.88 -16.00 -20.25
N PHE B 306 2.98 -16.87 -19.79
CA PHE B 306 1.61 -16.90 -20.26
C PHE B 306 0.73 -17.49 -19.17
N TYR B 307 -0.51 -16.99 -19.07
CA TYR B 307 -1.43 -17.50 -18.07
C TYR B 307 -2.50 -18.37 -18.71
N THR B 308 -3.17 -19.15 -17.85
CA THR B 308 -4.14 -20.16 -18.27
C THR B 308 -5.56 -19.63 -18.05
N LEU B 309 -6.36 -19.59 -19.10
CA LEU B 309 -7.76 -19.18 -18.95
C LEU B 309 -8.62 -19.96 -19.95
N PRO B 310 -9.20 -21.08 -19.52
CA PRO B 310 -10.03 -21.88 -20.43
C PRO B 310 -11.42 -21.25 -20.60
N SER B 311 -12.12 -21.73 -21.62
CA SER B 311 -13.43 -21.16 -21.93
C SER B 311 -14.47 -22.25 -22.07
N THR B 312 -15.62 -22.03 -21.45
CA THR B 312 -16.74 -22.95 -21.57
C THR B 312 -17.30 -22.88 -22.98
N ILE B 313 -17.51 -24.04 -23.58
CA ILE B 313 -18.12 -24.11 -24.91
C ILE B 313 -19.63 -24.06 -24.70
N MET B 314 -20.22 -22.89 -24.94
CA MET B 314 -21.57 -22.59 -24.46
C MET B 314 -22.62 -23.50 -25.08
N ASN B 315 -22.41 -23.96 -26.31
CA ASN B 315 -23.42 -24.78 -26.98
C ASN B 315 -23.27 -26.25 -26.60
N HIS B 316 -22.57 -27.02 -27.42
CA HIS B 316 -22.39 -28.45 -27.14
C HIS B 316 -21.28 -28.65 -26.13
N LYS B 320 -16.80 -30.72 -22.29
CA LYS B 320 -15.77 -30.14 -23.17
C LYS B 320 -15.39 -28.74 -22.71
N SER B 321 -14.12 -28.38 -22.92
CA SER B 321 -13.64 -27.07 -22.49
C SER B 321 -12.46 -26.65 -23.37
N LEU B 322 -12.45 -25.38 -23.75
CA LEU B 322 -11.44 -24.84 -24.65
C LEU B 322 -10.29 -24.30 -23.82
N LYS B 323 -9.11 -24.91 -23.95
CA LYS B 323 -7.96 -24.52 -23.12
C LYS B 323 -7.13 -23.48 -23.85
N ALA B 324 -7.09 -22.25 -23.31
CA ALA B 324 -6.39 -21.13 -23.91
C ALA B 324 -5.27 -20.64 -23.01
N ALA B 325 -4.15 -20.29 -23.64
CA ALA B 325 -3.06 -19.59 -22.97
C ALA B 325 -3.04 -18.15 -23.44
N TYR B 326 -2.77 -17.21 -22.52
CA TYR B 326 -2.69 -15.80 -22.85
C TYR B 326 -1.28 -15.30 -22.61
N SER B 327 -0.67 -14.71 -23.64
CA SER B 327 0.62 -14.06 -23.48
C SER B 327 0.56 -13.06 -22.33
N PHE B 328 1.59 -13.07 -21.48
CA PHE B 328 1.60 -12.22 -20.30
C PHE B 328 2.70 -11.18 -20.50
N TYR B 329 3.88 -11.34 -19.89
CA TYR B 329 5.01 -10.45 -20.16
C TYR B 329 6.17 -11.27 -20.71
N ASN B 330 6.75 -10.78 -21.80
CA ASN B 330 7.86 -11.45 -22.46
C ASN B 330 9.01 -10.47 -22.59
N VAL B 331 10.12 -10.77 -21.95
CA VAL B 331 11.27 -9.88 -21.88
C VAL B 331 12.43 -10.54 -22.64
N HIS B 332 13.04 -9.80 -23.56
CA HIS B 332 14.20 -10.28 -24.29
C HIS B 332 15.35 -9.29 -24.17
N THR B 333 16.54 -9.79 -23.85
CA THR B 333 17.76 -8.99 -23.96
C THR B 333 18.85 -9.67 -24.77
N GLN B 334 18.83 -10.99 -24.89
CA GLN B 334 19.80 -11.73 -25.70
C GLN B 334 19.13 -12.64 -26.73
N THR B 335 18.02 -13.28 -26.36
CA THR B 335 17.29 -14.14 -27.30
C THR B 335 16.35 -13.27 -28.14
N PRO B 336 16.33 -13.44 -29.46
CA PRO B 336 15.37 -12.67 -30.28
C PRO B 336 13.95 -12.93 -29.83
N LEU B 337 13.14 -11.87 -29.77
CA LEU B 337 11.75 -12.04 -29.33
C LEU B 337 11.02 -13.05 -30.20
N LEU B 338 11.34 -13.07 -31.49
CA LEU B 338 10.71 -14.04 -32.38
C LEU B 338 10.97 -15.47 -31.93
N ASP B 339 12.21 -15.76 -31.51
CA ASP B 339 12.54 -17.10 -31.04
C ASP B 339 11.87 -17.40 -29.71
N LEU B 340 11.83 -16.41 -28.82
CA LEU B 340 11.21 -16.59 -27.51
C LEU B 340 9.74 -16.92 -27.66
N MET B 341 9.03 -16.21 -28.53
CA MET B 341 7.61 -16.47 -28.71
C MET B 341 7.38 -17.79 -29.43
N SER B 342 8.28 -18.18 -30.35
CA SER B 342 8.15 -19.50 -30.95
C SER B 342 8.24 -20.57 -29.87
N ASP B 343 9.15 -20.40 -28.92
CA ASP B 343 9.27 -21.36 -27.85
C ASP B 343 8.06 -21.33 -26.92
N ALA B 344 7.45 -20.15 -26.72
CA ALA B 344 6.24 -20.11 -25.92
C ALA B 344 5.13 -20.93 -26.58
N LEU B 345 5.00 -20.84 -27.91
CA LEU B 345 4.00 -21.66 -28.59
C LEU B 345 4.29 -23.13 -28.41
N VAL B 346 5.56 -23.52 -28.61
CA VAL B 346 5.93 -24.93 -28.44
C VAL B 346 5.58 -25.40 -27.03
N LEU B 347 5.91 -24.58 -26.02
CA LEU B 347 5.63 -24.98 -24.64
C LEU B 347 4.13 -25.08 -24.37
N ALA B 348 3.35 -24.13 -24.88
CA ALA B 348 1.91 -24.22 -24.66
C ALA B 348 1.31 -25.46 -25.32
N LYS B 349 1.75 -25.76 -26.55
CA LYS B 349 1.30 -26.99 -27.20
C LYS B 349 1.60 -28.21 -26.33
N MET B 350 2.86 -28.33 -25.87
CA MET B 350 3.24 -29.44 -24.99
C MET B 350 2.32 -29.55 -23.78
N LYS B 351 1.94 -28.43 -23.19
CA LYS B 351 1.11 -28.45 -21.99
C LYS B 351 -0.36 -28.69 -22.28
N GLY B 352 -0.74 -28.92 -23.54
CA GLY B 352 -2.09 -29.28 -23.88
C GLY B 352 -3.03 -28.12 -24.17
N PHE B 353 -2.51 -26.92 -24.39
CA PHE B 353 -3.37 -25.81 -24.76
C PHE B 353 -3.87 -25.96 -26.19
N ASP B 354 -5.09 -25.46 -26.44
CA ASP B 354 -5.68 -25.51 -27.77
C ASP B 354 -5.38 -24.28 -28.60
N VAL B 355 -5.23 -23.12 -27.96
CA VAL B 355 -4.95 -21.88 -28.66
C VAL B 355 -4.08 -21.02 -27.75
N PHE B 356 -3.28 -20.16 -28.37
CA PHE B 356 -2.40 -19.22 -27.69
C PHE B 356 -2.82 -17.82 -28.10
N ASN B 357 -3.25 -17.01 -27.14
CA ASN B 357 -3.73 -15.67 -27.41
C ASN B 357 -2.71 -14.62 -27.02
N ALA B 358 -2.62 -13.56 -27.82
CA ALA B 358 -1.79 -12.40 -27.49
C ALA B 358 -2.44 -11.14 -28.04
N LEU B 359 -2.22 -10.04 -27.35
CA LEU B 359 -2.59 -8.72 -27.80
C LEU B 359 -1.53 -8.15 -28.74
N ASP B 360 -1.87 -7.06 -29.41
CA ASP B 360 -0.91 -6.38 -30.26
C ASP B 360 -0.15 -5.28 -29.53
N LEU B 361 -0.06 -5.35 -28.19
CA LEU B 361 0.64 -4.32 -27.44
C LEU B 361 2.13 -4.66 -27.33
N MET B 362 2.87 -3.80 -26.65
CA MET B 362 4.33 -3.91 -26.47
C MET B 362 4.96 -4.16 -27.85
N GLU B 363 5.84 -5.15 -28.02
CA GLU B 363 6.41 -5.37 -29.34
C GLU B 363 5.75 -6.49 -30.10
N ASN B 364 4.52 -6.88 -29.71
CA ASN B 364 3.95 -8.11 -30.21
C ASN B 364 3.71 -8.06 -31.72
N LYS B 365 3.48 -6.88 -32.29
CA LYS B 365 3.25 -6.81 -33.74
C LYS B 365 4.46 -7.27 -34.54
N THR B 366 5.63 -7.35 -33.91
CA THR B 366 6.80 -7.83 -34.63
C THR B 366 6.78 -9.34 -34.86
N PHE B 367 6.01 -10.10 -34.08
CA PHE B 367 5.98 -11.55 -34.28
C PHE B 367 4.62 -12.14 -34.63
N LEU B 368 3.54 -11.37 -34.53
CA LEU B 368 2.20 -11.95 -34.65
C LEU B 368 2.01 -12.62 -36.01
N GLU B 369 2.18 -11.86 -37.09
CA GLU B 369 1.96 -12.44 -38.41
C GLU B 369 2.99 -13.52 -38.73
N LYS B 370 4.26 -13.31 -38.38
CA LYS B 370 5.30 -14.29 -38.66
C LYS B 370 5.01 -15.64 -38.01
N LEU B 371 4.47 -15.64 -36.80
CA LEU B 371 4.23 -16.87 -36.07
C LEU B 371 2.83 -17.40 -36.33
N LYS B 372 2.17 -16.89 -37.36
CA LYS B 372 0.90 -17.44 -37.86
C LYS B 372 -0.26 -17.20 -36.90
N PHE B 373 -0.18 -16.14 -36.10
CA PHE B 373 -1.35 -15.63 -35.42
C PHE B 373 -2.34 -15.08 -36.44
N GLY B 374 -3.63 -15.23 -36.15
CA GLY B 374 -4.67 -14.60 -36.92
C GLY B 374 -5.43 -13.61 -36.06
N ILE B 375 -5.88 -12.54 -36.68
CA ILE B 375 -6.46 -11.44 -35.92
C ILE B 375 -7.86 -11.81 -35.43
N GLY B 376 -8.17 -11.40 -34.20
CA GLY B 376 -9.46 -11.68 -33.60
C GLY B 376 -10.46 -10.59 -33.90
N ASP B 377 -11.70 -10.85 -33.47
CA ASP B 377 -12.76 -9.89 -33.72
C ASP B 377 -12.91 -8.87 -32.60
N GLY B 378 -12.34 -9.10 -31.43
CA GLY B 378 -12.56 -8.24 -30.28
C GLY B 378 -11.41 -7.28 -30.03
N ASN B 379 -11.74 -6.00 -29.88
CA ASN B 379 -10.81 -5.02 -29.33
C ASN B 379 -10.70 -5.17 -27.82
N LEU B 380 -9.61 -4.67 -27.27
CA LEU B 380 -9.49 -4.46 -25.82
C LEU B 380 -9.09 -3.01 -25.61
N GLN B 381 -10.01 -2.18 -25.12
N GLN B 381 -10.02 -2.20 -25.11
CA GLN B 381 -9.71 -0.79 -24.82
CA GLN B 381 -9.76 -0.80 -24.79
C GLN B 381 -9.17 -0.66 -23.41
C GLN B 381 -9.15 -0.70 -23.40
N TYR B 382 -8.14 0.17 -23.26
CA TYR B 382 -7.53 0.48 -21.97
C TYR B 382 -7.99 1.85 -21.51
N TYR B 383 -8.26 1.98 -20.20
CA TYR B 383 -8.81 3.20 -19.63
C TYR B 383 -8.08 3.59 -18.35
N LEU B 384 -8.04 4.90 -18.11
CA LEU B 384 -7.65 5.44 -16.82
C LEU B 384 -8.81 6.24 -16.25
N TYR B 385 -9.00 6.11 -14.94
CA TYR B 385 -10.01 6.88 -14.22
C TYR B 385 -9.33 8.02 -13.49
N ASN B 386 -9.85 9.24 -13.68
CA ASN B 386 -9.33 10.45 -13.04
C ASN B 386 -7.87 10.70 -13.40
N TRP B 387 -7.52 10.47 -14.67
CA TRP B 387 -6.19 10.82 -15.16
C TRP B 387 -6.34 11.14 -16.65
N LYS B 388 -6.13 12.40 -16.98
CA LYS B 388 -6.30 12.89 -18.34
C LYS B 388 -4.92 12.97 -18.96
N CYS B 389 -4.69 12.20 -20.02
CA CYS B 389 -3.41 12.19 -20.70
C CYS B 389 -3.64 11.82 -22.15
N PRO B 390 -2.67 12.07 -23.03
CA PRO B 390 -2.85 11.70 -24.44
C PRO B 390 -3.01 10.20 -24.60
N SER B 391 -3.78 9.80 -25.59
CA SER B 391 -3.84 8.39 -25.94
C SER B 391 -2.53 7.95 -26.60
N MET B 392 -2.36 6.63 -26.70
CA MET B 392 -1.13 6.07 -27.24
C MET B 392 -1.48 4.91 -28.15
N GLY B 393 -0.58 4.61 -29.09
CA GLY B 393 -0.72 3.42 -29.90
C GLY B 393 -0.53 2.16 -29.07
N ALA B 394 -1.06 1.05 -29.60
CA ALA B 394 -0.97 -0.21 -28.86
C ALA B 394 0.47 -0.58 -28.54
N GLU B 395 1.41 -0.26 -29.41
CA GLU B 395 2.78 -0.69 -29.17
C GLU B 395 3.41 0.06 -28.00
N LYS B 396 2.76 1.08 -27.47
CA LYS B 396 3.27 1.77 -26.29
C LYS B 396 2.56 1.32 -25.02
N VAL B 397 1.52 0.50 -25.12
CA VAL B 397 0.88 -0.08 -23.95
C VAL B 397 1.73 -1.24 -23.46
N GLY B 398 2.11 -1.22 -22.17
CA GLY B 398 2.96 -2.24 -21.60
C GLY B 398 2.37 -2.81 -20.32
N LEU B 399 1.05 -3.01 -20.33
CA LEU B 399 0.30 -3.45 -19.16
C LEU B 399 -0.65 -4.54 -19.60
N VAL B 400 -0.58 -5.70 -18.96
CA VAL B 400 -1.44 -6.84 -19.26
C VAL B 400 -2.24 -7.17 -17.99
N LEU B 401 -3.56 -7.18 -18.11
CA LEU B 401 -4.46 -7.48 -17.00
C LEU B 401 -5.12 -8.84 -17.22
N GLN B 402 -5.42 -9.53 -16.12
CA GLN B 402 -6.03 -10.87 -16.19
C GLN B 402 -7.48 -10.84 -16.64
C ACE C 1 8.64 8.99 22.15
O ACE C 1 9.32 10.01 21.92
CH3 ACE C 1 7.17 9.03 22.44
N LYS C 2 9.55 8.00 21.99
N LYS C 2 9.40 7.89 22.15
CA LYS C 2 10.79 7.46 21.43
CA LYS C 2 10.67 7.39 21.66
C LYS C 2 12.02 7.97 22.19
C LYS C 2 11.87 7.89 22.46
N SER C 3 11.94 9.19 22.70
CA SER C 3 13.00 9.81 23.50
C SER C 3 12.40 10.19 24.83
N PHE C 4 12.98 9.69 25.92
CA PHE C 4 12.43 9.96 27.24
C PHE C 4 13.00 11.24 27.80
N SER C 5 12.13 12.20 28.07
CA SER C 5 12.54 13.53 28.50
C SER C 5 12.05 13.80 29.92
N LYS C 6 12.89 14.50 30.69
CA LYS C 6 12.61 15.04 32.01
C LYS C 6 12.67 16.55 31.93
N PRO C 7 11.93 17.27 32.78
CA PRO C 7 12.10 18.73 32.83
C PRO C 7 13.52 19.10 33.19
N ARG C 8 14.16 19.88 32.32
CA ARG C 8 15.49 20.43 32.58
C ARG C 8 15.43 21.55 33.61
C ACE D 1 -15.30 -6.65 -21.65
O ACE D 1 -15.95 -5.60 -21.69
CH3 ACE D 1 -15.88 -7.86 -22.31
N LYS D 2 -14.07 -6.83 -21.00
N LYS D 2 -14.03 -6.86 -21.07
CA LYS D 2 -12.72 -7.37 -21.05
CA LYS D 2 -12.73 -7.50 -20.96
C LYS D 2 -12.71 -8.54 -22.02
C LYS D 2 -12.64 -8.62 -22.00
N SER D 3 -12.11 -8.28 -23.17
CA SER D 3 -12.41 -9.00 -24.41
C SER D 3 -12.23 -10.51 -24.33
N PHE D 4 -13.33 -11.21 -24.61
CA PHE D 4 -13.28 -12.56 -25.16
C PHE D 4 -13.34 -12.44 -26.68
N SER D 5 -12.29 -12.91 -27.35
CA SER D 5 -12.17 -12.80 -28.79
C SER D 5 -12.09 -14.19 -29.42
N LYS D 6 -12.46 -14.23 -30.71
CA LYS D 6 -12.42 -15.39 -31.58
C LYS D 6 -11.82 -14.97 -32.92
N PRO D 7 -11.21 -15.88 -33.66
CA PRO D 7 -10.62 -15.52 -34.96
C PRO D 7 -11.69 -15.01 -35.92
N ARG D 8 -11.33 -13.98 -36.69
CA ARG D 8 -12.22 -13.43 -37.70
C ARG D 8 -12.05 -14.19 -39.01
C1 GOL E . 18.68 15.48 6.41
O1 GOL E . 18.26 16.79 6.09
C2 GOL E . 17.82 14.48 5.52
O2 GOL E . 18.24 14.48 4.20
C3 GOL E . 17.95 13.06 6.17
O3 GOL E . 17.34 13.11 7.45
N1A COA F . 18.75 3.96 15.89
C2A COA F . 19.62 3.72 14.94
N3A COA F . 20.92 3.36 15.25
C4A COA F . 21.29 3.26 16.52
C5A COA F . 20.41 3.50 17.50
C6A COA F . 19.11 3.86 17.18
N6A COA F . 17.89 4.20 17.95
N7A COA F . 21.05 3.33 18.68
C8A COA F . 22.30 2.98 18.42
N9A COA F . 22.45 2.93 17.08
C1B COA F . 23.53 2.64 16.16
C2B COA F . 24.66 3.24 16.55
O2B COA F . 24.74 4.59 15.97
C3B COA F . 25.75 2.34 15.97
O3B COA F . 25.96 2.68 14.68
P3B COA F . 27.35 3.49 14.29
O7A COA F . 27.21 4.10 12.88
O8A COA F . 28.51 2.52 14.34
O9A COA F . 27.56 4.62 15.29
C4B COA F . 25.15 0.89 16.09
O4B COA F . 23.84 1.03 16.14
C5B COA F . 25.62 0.21 17.36
O5B COA F . 25.29 -1.16 17.30
P1A COA F . 24.97 -2.01 18.73
O1A COA F . 24.03 -3.16 18.48
O2A COA F . 26.27 -2.50 19.29
O3A COA F . 24.24 -1.04 19.81
P2A COA F . 23.12 -1.58 20.89
O4A COA F . 23.16 -0.68 22.15
O5A COA F . 23.37 -3.04 21.30
O6A COA F . 21.59 -1.49 20.19
CBP COA F . 19.59 -0.25 20.75
CCP COA F . 20.96 -0.18 20.14
CDP COA F . 18.93 1.14 20.65
CEP COA F . 18.77 -1.27 19.94
CAP COA F . 19.67 -0.72 22.20
OAP COA F . 20.64 0.03 22.90
C9P COA F . 18.32 -0.53 22.88
O9P COA F . 17.48 -1.36 22.78
N8P COA F . 18.10 0.68 23.65
C7P COA F . 16.81 0.97 24.37
C6P COA F . 15.67 1.06 23.37
C5P COA F . 15.92 2.13 22.25
O5P COA F . 15.38 2.02 21.22
N4P COA F . 16.81 3.29 22.46
C3P COA F . 16.96 4.24 21.33
C2P COA F . 18.31 4.91 21.29
S1P COA F . 18.04 6.54 20.57
S1 MYA G . 14.38 4.89 18.34
C2 MYA G . 14.39 3.76 19.77
C3 MYA G . 15.69 2.96 19.91
N4 MYA G . 15.51 2.00 21.00
C5 MYA G . 16.05 2.17 22.21
O5 MYA G . 16.75 3.13 22.52
C6 MYA G . 15.72 1.05 23.21
C7 MYA G . 16.83 0.88 24.26
N8 MYA G . 18.09 0.57 23.56
C9 MYA G . 18.29 -0.57 22.88
O9 MYA G . 17.47 -1.48 22.79
C10 MYA G . 19.68 -0.66 22.22
O10 MYA G . 20.61 0.16 22.95
C11 MYA G . 19.61 -0.24 20.75
C12 MYA G . 21.02 -0.23 20.16
C13 MYA G . 19.00 1.16 20.62
C14 MYA G . 18.78 -1.24 19.97
N1A MYA G . 18.76 4.07 15.88
O1A MYA G . 23.99 -3.22 18.38
P1A MYA G . 24.80 -2.02 18.70
C1X MYA G . 23.72 2.56 16.13
C2A MYA G . 19.60 3.80 14.81
O2A MYA G . 26.15 -2.17 19.30
P2A MYA G . 23.08 -1.68 20.86
C2M MYA G . 13.71 3.82 17.08
O2M MYA G . 13.04 2.81 17.32
C2X MYA G . 24.97 2.92 16.90
O2X MYA G . 25.20 4.34 16.88
N3A MYA G . 20.91 3.41 15.07
O3A MYA G . 23.91 -1.07 19.62
C3M MYA G . 14.02 4.24 15.64
C3X MYA G . 25.96 2.19 16.05
O3X MYA G . 25.97 2.76 14.73
P3X MYA G . 27.27 3.55 14.29
C4A MYA G . 21.32 3.29 16.35
O4A MYA G . 23.38 -3.11 21.03
C4M MYA G . 15.17 3.37 15.12
C4X MYA G . 25.28 0.83 16.06
O4X MYA G . 23.85 1.12 15.93
C5A MYA G . 20.49 3.56 17.36
O5A MYA G . 23.27 -0.75 22.01
C5M MYA G . 15.39 3.62 13.62
C5X MYA G . 25.47 0.20 17.43
O5X MYA G . 24.94 -1.14 17.37
C6A MYA G . 19.22 3.94 17.12
N6A MYA G . 18.47 4.17 18.19
O6A MYA G . 21.58 -1.54 20.31
C6M MYA G . 16.45 2.64 13.09
N7A MYA G . 21.15 3.36 18.49
O7A MYA G . 26.92 4.02 12.94
C7M MYA G . 16.98 3.09 11.72
C8A MYA G . 22.39 2.98 18.19
O8A MYA G . 27.37 4.62 15.30
C8M MYA G . 15.97 2.77 10.61
N9A MYA G . 22.50 2.94 16.87
O9A MYA G . 28.32 2.51 14.34
C9M MYA G . 16.52 3.22 9.23
CAM MYA G . 15.48 2.98 8.11
CBM MYA G . 15.36 1.49 7.79
CCM MYA G . 14.24 1.20 6.78
CDM MYA G . 14.63 1.70 5.38
CEM MYA G . 13.60 1.20 4.36
CFM MYA G . 13.98 1.68 2.94
S1 MYA H . -14.31 -5.37 -18.00
C2 MYA H . -15.48 -6.77 -17.92
C3 MYA H . -16.95 -6.31 -17.87
N4 MYA H . -17.82 -7.46 -17.56
C5 MYA H . -18.57 -8.10 -18.47
O5 MYA H . -18.60 -7.82 -19.68
C6 MYA H . -19.39 -9.27 -17.92
C7 MYA H . -20.69 -9.50 -18.70
N8 MYA H . -21.52 -8.30 -18.55
C9 MYA H . -22.08 -7.96 -17.38
O9 MYA H . -22.00 -8.62 -16.34
C10 MYA H . -22.92 -6.65 -17.44
O10 MYA H . -23.36 -6.44 -18.79
C11 MYA H . -22.12 -5.43 -16.94
C12 MYA H . -22.94 -4.16 -17.20
C13 MYA H . -20.76 -5.30 -17.66
C14 MYA H . -21.86 -5.56 -15.44
N1A MYA H . -17.31 -1.07 -17.92
O1A MYA H . -26.22 -2.06 -15.26
P1A MYA H . -26.34 -1.42 -16.60
C1X MYA H . -21.96 1.15 -18.61
C2A MYA H . -17.75 0.18 -17.47
O2A MYA H . -27.69 -1.06 -17.10
P2A MYA H . -25.56 -4.01 -17.51
C2M MYA H . -14.12 -4.93 -16.25
O2M MYA H . -14.42 -5.68 -15.33
C2X MYA H . -23.00 1.40 -19.69
O2X MYA H . -22.39 1.92 -20.88
N3A MYA H . -19.05 0.58 -17.77
O3A MYA H . -25.59 -2.38 -17.66
C3M MYA H . -13.58 -3.53 -15.94
C3X MYA H . -23.84 2.44 -19.00
O3X MYA H . -23.12 3.68 -18.85
P3X MYA H . -23.60 4.92 -19.80
C4A MYA H . -19.85 -0.23 -18.47
O4A MYA H . -26.73 -4.46 -16.72
C4M MYA H . -14.77 -2.65 -15.55
C4X MYA H . -24.05 1.67 -17.68
O4X MYA H . -22.77 1.04 -17.40
C5A MYA H . -19.41 -1.42 -18.90
O5A MYA H . -25.37 -4.52 -18.87
C5M MYA H . -14.32 -1.22 -15.23
C5X MYA H . -25.02 0.50 -17.92
O5X MYA H . -25.39 -0.11 -16.67
C6A MYA H . -18.17 -1.83 -18.62
N6A MYA H . -17.78 -3.02 -19.07
O6A MYA H . -24.23 -4.30 -16.61
C6M MYA H . -15.50 -0.43 -14.66
N7A MYA H . -20.42 -2.00 -19.57
O7A MYA H . -22.67 6.04 -19.53
C7M MYA H . -15.13 1.05 -14.41
C8A MYA H . -21.46 -1.16 -19.56
O8A MYA H . -23.43 4.34 -21.14
C8M MYA H . -14.18 1.25 -13.21
N9A MYA H . -21.11 -0.06 -18.88
O9A MYA H . -24.98 5.13 -19.34
C9M MYA H . -13.84 2.75 -13.05
CAM MYA H . -12.83 2.98 -11.89
CBM MYA H . -13.52 2.75 -10.54
CCM MYA H . -12.52 2.91 -9.39
CDM MYA H . -11.97 4.34 -9.28
CEM MYA H . -10.93 4.42 -8.12
CFM MYA H . -10.43 5.86 -7.91
C1 GOL I . -7.45 8.94 -22.19
O1 GOL I . -6.23 9.17 -22.89
C2 GOL I . -7.12 8.89 -20.66
O2 GOL I . -6.84 10.17 -20.15
C3 GOL I . -8.36 8.23 -19.94
O3 GOL I . -8.39 6.87 -20.33
C1 MYR J . 13.45 3.95 16.78
O1 MYR J . 13.21 2.81 17.24
C2 MYR J . 13.70 4.15 15.30
C3 MYR J . 14.91 3.31 14.90
C4 MYR J . 15.38 3.63 13.49
C5 MYR J . 16.56 2.73 13.08
C6 MYR J . 17.09 3.06 11.69
C7 MYR J . 16.07 2.76 10.59
C8 MYR J . 16.55 3.26 9.22
C9 MYR J . 15.55 3.01 8.08
C10 MYR J . 15.39 1.52 7.80
C11 MYR J . 14.31 1.19 6.77
C12 MYR J . 14.62 1.72 5.37
C13 MYR J . 13.58 1.21 4.35
C14 MYR J . 13.92 1.64 2.92
#